data_1I1A
#
_entry.id   1I1A
#
_cell.length_a   68.358
_cell.length_b   74.213
_cell.length_c   196.604
_cell.angle_alpha   90.00
_cell.angle_beta   90.00
_cell.angle_gamma   90.00
#
_symmetry.space_group_name_H-M   'P 21 21 21'
#
loop_
_entity.id
_entity.type
_entity.pdbx_description
1 polymer 'NEONATAL FC RECEPTOR A'
2 polymer BETA-2-MICROGLOBULIN
3 polymer 'IG GAMMA-2A CHAIN C REGION'
4 polymer 'IG GAMMA-2A CHAIN C REGION'
5 branched alpha-L-fucopyranose-(1-6)-2-acetamido-2-deoxy-beta-D-glucopyranose
6 branched 2-acetamido-2-deoxy-alpha-D-glucopyranose-(1-2)-alpha-D-mannopyranose-(1-3)-beta-D-mannopyranose-(1-4)-2-acetamido-2-deoxy-beta-D-glucopyranose-(1-4)-[alpha-L-fucopyranose-(1-6)]2-acetamido-2-deoxy-beta-D-glucopyranose
7 branched 2-acetamido-2-deoxy-beta-D-glucopyranose-(1-2)-alpha-D-mannopyranose-(1-3)-[2-acetamido-2-deoxy-beta-D-glucopyranose-(1-2)-alpha-D-mannopyranose-(1-6)]beta-D-mannopyranose-(1-4)-2-acetamido-2-deoxy-beta-D-glucopyranose-(1-4)-[beta-L-fucopyranose-(1-6)]2-acetamido-2-deoxy-beta-D-glucopyranose
8 branched 2-acetamido-2-deoxy-beta-D-glucopyranose-(1-2)-alpha-D-mannopyranose-(1-3)-[2-acetamido-2-deoxy-beta-D-glucopyranose-(1-2)-alpha-D-mannopyranose-(1-6)]beta-D-mannopyranose-(1-4)-2-acetamido-2-deoxy-beta-D-glucopyranose-(1-4)-[alpha-L-fucopyranose-(1-6)]2-acetamido-2-deoxy-beta-D-glucopyranose
9 non-polymer 2-acetamido-2-deoxy-beta-D-glucopyranose
10 non-polymer CYSTEINE
11 water water
#
loop_
_entity_poly.entity_id
_entity_poly.type
_entity_poly.pdbx_seq_one_letter_code
_entity_poly.pdbx_strand_id
1 'polypeptide(L)'
;AEPRLPLMYHLAAVSDLSTGLPSFWATGWLGAQQYLTYNNLRQEADPCGAWIWENQVSWYWEKETTDLKSKEQLFLEAIR
TLENQINGTFTLQGLLGCELAPDNSSLPTAVFALNGEEFMRFNPRTGNWSGEWPETDIVGNLWMKQPEAARKESEFLLTS
CPERLLGHLERGRQNLEWKEPPSMRLKARPGNSGSSVLTCAAFSFYPPELKFRFLRNGLASGSGNCSTGPNGDGSFHAWS
LLEVKRGDEHHYQCQVEHEGLAQPLTVDL
;
A
2 'polypeptide(L)'
;IQKTPQIQVYSRHPPENGKPNFLNCYVSQFHPPQIEIELLKNGKKIPNIEMSDLSFSKDWSFYILAHTEFTPTETDVYAC
RVKHVTLKEPKTVTWDRDM
;
B
3 'polypeptide(L)'
;VPRECNPCGCTGSEVSSVFIFPPKTKDVLTITLTPKVTCVVVDISQNDPEVRFSWFIDDVEVHTAQTHAPEKQSNSTLRS
VSELPIVHRDWLNGKTFKCKVNSGAFPAPIEKSISKPEGTPRGPQVYTMAPPKEEMTQSQVSITCMVKGFYPPDIYTEWK
MNGQPQENYKNTPPTMDTDGSYFLYSKLNVKKETWQQGNTFTCSVLHEGLHNHHTEKSLSHSPGK
;
C
4 'polypeptide(L)'
;VPRECNPCGCTGSEVSSVFIFPPKTKDVLGGGLTPKVTCVVVDISQNDPEVRFSWFIDDVEVHTAQTHAPEKQSNSTLRS
VSELPIVERDWLNGKTFKCKVNSGAFPAPIEKSISKPEGTPRGPQVYTMAPPKEEMTQSQVSITCMVKGFYPPDIYTEWK
MNGQPQENYKNTPPTMDTDGSYFLYSKLNVKKETWQQGNTFTCSVLHEGLENEHTEKSLSHSPGKGIEGRGSSHHHHHH
;
D
#
loop_
_chem_comp.id
_chem_comp.type
_chem_comp.name
_chem_comp.formula
BMA D-saccharide, beta linking beta-D-mannopyranose 'C6 H12 O6'
FUC L-saccharide, alpha linking alpha-L-fucopyranose 'C6 H12 O5'
FUL L-saccharide, beta linking beta-L-fucopyranose 'C6 H12 O5'
MAN D-saccharide, alpha linking alpha-D-mannopyranose 'C6 H12 O6'
NAG D-saccharide, beta linking 2-acetamido-2-deoxy-beta-D-glucopyranose 'C8 H15 N O6'
NDG D-saccharide, alpha linking 2-acetamido-2-deoxy-alpha-D-glucopyranose 'C8 H15 N O6'
#
# COMPACT_ATOMS: atom_id res chain seq x y z
N LEU A 5 -18.68 -9.98 -28.80
CA LEU A 5 -18.62 -11.27 -28.04
C LEU A 5 -17.17 -11.77 -27.95
N PRO A 6 -16.61 -11.83 -26.72
CA PRO A 6 -15.24 -12.27 -26.44
C PRO A 6 -14.97 -13.63 -25.82
N LEU A 7 -13.73 -14.08 -26.01
CA LEU A 7 -13.28 -15.33 -25.46
C LEU A 7 -12.29 -14.95 -24.34
N MET A 8 -12.62 -15.30 -23.12
CA MET A 8 -11.77 -14.93 -22.01
C MET A 8 -11.44 -16.05 -21.01
N TYR A 9 -10.15 -16.29 -20.84
CA TYR A 9 -9.66 -17.29 -19.92
C TYR A 9 -9.28 -16.66 -18.56
N HIS A 10 -9.78 -17.24 -17.48
CA HIS A 10 -9.47 -16.75 -16.15
C HIS A 10 -8.53 -17.76 -15.51
N LEU A 11 -7.26 -17.37 -15.37
CA LEU A 11 -6.24 -18.24 -14.80
C LEU A 11 -5.93 -17.80 -13.42
N ALA A 12 -5.56 -18.76 -12.58
CA ALA A 12 -5.22 -18.47 -11.19
C ALA A 12 -4.37 -19.53 -10.49
N ALA A 13 -3.53 -19.07 -9.58
CA ALA A 13 -2.64 -19.94 -8.83
C ALA A 13 -2.54 -19.40 -7.41
N VAL A 14 -2.44 -20.29 -6.42
CA VAL A 14 -2.29 -19.81 -5.05
C VAL A 14 -1.20 -20.58 -4.30
N SER A 15 -0.89 -20.09 -3.11
CA SER A 15 0.10 -20.72 -2.25
C SER A 15 -0.66 -21.43 -1.16
N ASP A 16 -1.42 -20.67 -0.39
CA ASP A 16 -2.19 -21.24 0.71
C ASP A 16 -3.21 -22.32 0.33
N LEU A 17 -2.84 -23.59 0.52
CA LEU A 17 -3.74 -24.70 0.20
C LEU A 17 -4.58 -25.18 1.38
N SER A 18 -4.68 -24.34 2.41
CA SER A 18 -5.43 -24.64 3.62
C SER A 18 -6.91 -24.94 3.46
N THR A 19 -7.50 -24.60 2.31
CA THR A 19 -8.92 -24.84 2.11
C THR A 19 -9.29 -25.72 0.92
N GLY A 20 -8.35 -26.54 0.46
CA GLY A 20 -8.61 -27.45 -0.63
C GLY A 20 -8.52 -26.97 -2.06
N LEU A 21 -8.14 -25.72 -2.29
CA LEU A 21 -8.01 -25.25 -3.67
C LEU A 21 -6.91 -25.99 -4.39
N PRO A 22 -6.99 -26.05 -5.71
CA PRO A 22 -5.89 -26.74 -6.38
C PRO A 22 -4.77 -25.70 -6.32
N SER A 23 -3.68 -25.90 -7.04
CA SER A 23 -2.63 -24.89 -6.99
C SER A 23 -2.83 -23.90 -8.13
N PHE A 24 -3.40 -24.41 -9.22
CA PHE A 24 -3.68 -23.60 -10.38
C PHE A 24 -4.90 -24.13 -11.09
N TRP A 25 -5.85 -23.28 -11.45
CA TRP A 25 -7.02 -23.71 -12.17
C TRP A 25 -7.41 -22.64 -13.16
N ALA A 26 -8.36 -22.94 -14.02
CA ALA A 26 -8.79 -21.95 -15.01
C ALA A 26 -10.20 -22.20 -15.57
N THR A 27 -10.79 -21.16 -16.14
CA THR A 27 -12.13 -21.27 -16.71
C THR A 27 -12.23 -20.43 -17.99
N GLY A 28 -12.88 -21.02 -18.98
CA GLY A 28 -13.07 -20.37 -20.27
C GLY A 28 -14.44 -19.75 -20.37
N TRP A 29 -14.49 -18.52 -20.88
CA TRP A 29 -15.75 -17.82 -21.05
C TRP A 29 -15.96 -17.24 -22.42
N LEU A 30 -17.15 -17.53 -22.93
CA LEU A 30 -17.63 -17.03 -24.19
C LEU A 30 -18.72 -16.13 -23.62
N GLY A 31 -18.58 -14.82 -23.87
CA GLY A 31 -19.53 -13.87 -23.35
C GLY A 31 -19.78 -14.19 -21.90
N ALA A 32 -21.04 -14.14 -21.48
CA ALA A 32 -21.41 -14.41 -20.10
C ALA A 32 -21.49 -15.89 -19.71
N GLN A 33 -21.13 -16.80 -20.62
CA GLN A 33 -21.21 -18.21 -20.25
C GLN A 33 -19.91 -19.01 -20.26
N GLN A 34 -19.74 -19.79 -19.21
CA GLN A 34 -18.56 -20.63 -19.09
C GLN A 34 -18.72 -21.80 -20.06
N TYR A 35 -17.62 -22.18 -20.71
CA TYR A 35 -17.67 -23.32 -21.62
C TYR A 35 -16.48 -24.20 -21.34
N LEU A 36 -15.63 -23.79 -20.39
CA LEU A 36 -14.42 -24.53 -20.06
C LEU A 36 -14.03 -24.43 -18.59
N THR A 37 -13.33 -25.47 -18.11
CA THR A 37 -12.83 -25.55 -16.75
C THR A 37 -11.50 -26.37 -16.77
N TYR A 38 -10.63 -26.15 -15.77
CA TYR A 38 -9.30 -26.80 -15.69
C TYR A 38 -8.58 -26.60 -14.35
N ASN A 39 -7.76 -27.55 -13.98
CA ASN A 39 -6.98 -27.41 -12.76
C ASN A 39 -5.81 -28.38 -12.85
N ASN A 40 -4.84 -28.20 -11.97
CA ASN A 40 -3.66 -29.03 -11.98
C ASN A 40 -3.90 -30.47 -11.53
N LEU A 41 -4.99 -30.72 -10.80
CA LEU A 41 -5.26 -32.06 -10.31
C LEU A 41 -5.85 -33.01 -11.35
N ARG A 42 -6.93 -32.56 -12.02
CA ARG A 42 -7.59 -33.35 -13.05
C ARG A 42 -6.65 -33.39 -14.23
N GLN A 43 -5.76 -32.41 -14.28
CA GLN A 43 -4.79 -32.33 -15.36
C GLN A 43 -5.35 -32.29 -16.79
N GLU A 44 -6.58 -31.85 -16.95
CA GLU A 44 -7.20 -31.79 -18.29
C GLU A 44 -8.26 -30.71 -18.42
N ALA A 45 -8.37 -30.14 -19.61
CA ALA A 45 -9.35 -29.10 -19.88
C ALA A 45 -10.63 -29.72 -20.44
N ASP A 46 -11.75 -29.48 -19.77
CA ASP A 46 -13.02 -30.06 -20.19
C ASP A 46 -14.15 -29.06 -20.39
N PRO A 47 -15.10 -29.39 -21.29
CA PRO A 47 -16.30 -28.65 -21.69
C PRO A 47 -17.39 -28.52 -20.60
N CYS A 48 -18.01 -27.36 -20.50
CA CYS A 48 -19.03 -27.15 -19.49
C CYS A 48 -20.42 -27.33 -20.01
N GLY A 49 -21.23 -28.06 -19.24
CA GLY A 49 -22.61 -28.34 -19.62
C GLY A 49 -22.92 -28.21 -21.10
N ALA A 50 -23.76 -27.23 -21.41
CA ALA A 50 -24.20 -26.92 -22.76
C ALA A 50 -23.16 -27.01 -23.87
N TRP A 51 -21.88 -27.02 -23.52
CA TRP A 51 -20.89 -27.05 -24.56
C TRP A 51 -20.41 -28.45 -24.89
N ILE A 52 -20.65 -29.36 -23.95
CA ILE A 52 -20.31 -30.76 -24.11
C ILE A 52 -20.83 -31.30 -25.44
N TRP A 53 -22.04 -30.89 -25.80
CA TRP A 53 -22.69 -31.33 -27.03
C TRP A 53 -22.36 -30.52 -28.28
N GLU A 54 -21.56 -29.47 -28.15
CA GLU A 54 -21.21 -28.69 -29.33
C GLU A 54 -20.45 -29.67 -30.21
N ASN A 55 -20.39 -29.37 -31.50
CA ASN A 55 -19.68 -30.23 -32.45
C ASN A 55 -18.37 -29.56 -32.79
N GLN A 56 -17.27 -30.19 -32.41
CA GLN A 56 -15.94 -29.64 -32.63
C GLN A 56 -15.04 -30.60 -33.39
N VAL A 57 -13.83 -30.14 -33.74
CA VAL A 57 -12.86 -30.99 -34.41
C VAL A 57 -12.40 -31.98 -33.31
N SER A 58 -11.77 -33.08 -33.70
CA SER A 58 -11.36 -34.09 -32.73
C SER A 58 -10.34 -33.63 -31.70
N TRP A 59 -9.45 -32.77 -32.14
CA TRP A 59 -8.38 -32.30 -31.29
C TRP A 59 -8.64 -30.98 -30.59
N TYR A 60 -9.86 -30.46 -30.69
CA TYR A 60 -10.18 -29.21 -30.03
C TYR A 60 -9.83 -29.22 -28.54
N TRP A 61 -10.42 -30.18 -27.83
CA TRP A 61 -10.19 -30.31 -26.41
C TRP A 61 -8.81 -30.85 -26.11
N GLU A 62 -8.18 -31.44 -27.11
CA GLU A 62 -6.83 -31.92 -26.91
C GLU A 62 -6.03 -30.65 -26.75
N LYS A 63 -6.25 -29.74 -27.69
CA LYS A 63 -5.58 -28.46 -27.77
C LYS A 63 -5.77 -27.51 -26.59
N GLU A 64 -7.00 -27.43 -26.07
CA GLU A 64 -7.24 -26.55 -24.91
C GLU A 64 -6.37 -27.05 -23.74
N THR A 65 -6.39 -28.37 -23.49
CA THR A 65 -5.62 -28.95 -22.38
C THR A 65 -4.11 -28.74 -22.51
N THR A 66 -3.57 -28.96 -23.69
CA THR A 66 -2.14 -28.76 -23.85
C THR A 66 -1.79 -27.27 -23.74
N ASP A 67 -2.65 -26.40 -24.24
CA ASP A 67 -2.33 -25.00 -24.09
C ASP A 67 -2.46 -24.50 -22.66
N LEU A 68 -3.24 -25.20 -21.85
CA LEU A 68 -3.39 -24.82 -20.47
C LEU A 68 -2.32 -25.46 -19.61
N LYS A 69 -1.75 -26.57 -20.06
CA LYS A 69 -0.67 -27.18 -19.28
C LYS A 69 0.49 -26.21 -19.31
N SER A 70 0.70 -25.52 -20.43
CA SER A 70 1.80 -24.56 -20.55
C SER A 70 1.63 -23.47 -19.50
N LYS A 71 0.51 -22.77 -19.60
CA LYS A 71 0.21 -21.70 -18.67
C LYS A 71 0.28 -22.18 -17.22
N GLU A 72 -0.16 -23.41 -16.97
CA GLU A 72 -0.09 -23.92 -15.61
C GLU A 72 1.33 -23.82 -15.12
N GLN A 73 2.25 -24.31 -15.94
CA GLN A 73 3.65 -24.33 -15.59
C GLN A 73 4.20 -22.91 -15.41
N LEU A 74 3.88 -21.98 -16.32
CA LEU A 74 4.36 -20.62 -16.14
C LEU A 74 3.84 -20.02 -14.82
N PHE A 75 2.63 -20.40 -14.40
CA PHE A 75 2.09 -19.86 -13.18
C PHE A 75 2.69 -20.57 -11.96
N LEU A 76 2.77 -21.88 -12.04
CA LEU A 76 3.33 -22.63 -10.93
C LEU A 76 4.77 -22.23 -10.63
N GLU A 77 5.53 -21.95 -11.69
CA GLU A 77 6.91 -21.51 -11.53
C GLU A 77 6.86 -20.22 -10.78
N ALA A 78 6.20 -19.23 -11.37
CA ALA A 78 6.09 -17.92 -10.72
C ALA A 78 5.76 -18.09 -9.23
N ILE A 79 4.74 -18.88 -8.93
CA ILE A 79 4.35 -19.06 -7.55
C ILE A 79 5.52 -19.46 -6.64
N ARG A 80 6.28 -20.49 -7.03
CA ARG A 80 7.39 -20.94 -6.23
C ARG A 80 8.56 -19.95 -6.23
N THR A 81 8.91 -19.41 -7.40
CA THR A 81 10.02 -18.46 -7.54
C THR A 81 9.77 -17.19 -6.75
N LEU A 82 8.52 -17.00 -6.35
CA LEU A 82 8.09 -15.84 -5.60
C LEU A 82 8.01 -16.19 -4.14
N GLU A 83 7.43 -17.35 -3.87
CA GLU A 83 7.28 -17.80 -2.51
C GLU A 83 8.64 -17.92 -1.84
N ASN A 84 9.69 -17.87 -2.66
CA ASN A 84 11.05 -17.99 -2.18
C ASN A 84 11.72 -16.66 -1.96
N GLN A 85 11.51 -15.73 -2.88
CA GLN A 85 12.13 -14.44 -2.75
C GLN A 85 11.38 -13.62 -1.73
N ILE A 86 10.07 -13.86 -1.61
CA ILE A 86 9.25 -13.10 -0.68
C ILE A 86 8.47 -13.88 0.37
N ASN A 87 8.29 -13.22 1.50
CA ASN A 87 7.58 -13.76 2.64
C ASN A 87 6.08 -13.44 2.51
N GLY A 88 5.24 -14.44 2.79
CA GLY A 88 3.81 -14.23 2.72
C GLY A 88 3.12 -14.78 1.48
N THR A 89 2.09 -15.61 1.71
CA THR A 89 1.30 -16.23 0.63
C THR A 89 0.84 -15.30 -0.49
N PHE A 90 0.57 -15.89 -1.65
CA PHE A 90 0.18 -15.14 -2.84
C PHE A 90 -1.00 -15.71 -3.62
N THR A 91 -1.47 -14.91 -4.58
CA THR A 91 -2.56 -15.23 -5.51
C THR A 91 -2.24 -14.63 -6.90
N LEU A 92 -1.82 -15.48 -7.82
CA LEU A 92 -1.48 -15.09 -9.17
C LEU A 92 -2.72 -15.21 -10.04
N GLN A 93 -3.05 -14.15 -10.75
CA GLN A 93 -4.22 -14.17 -11.62
C GLN A 93 -3.87 -13.48 -12.92
N GLY A 94 -4.52 -13.92 -13.98
CA GLY A 94 -4.31 -13.34 -15.30
C GLY A 94 -5.60 -13.45 -16.11
N LEU A 95 -5.79 -12.49 -17.01
CA LEU A 95 -6.96 -12.42 -17.87
C LEU A 95 -6.53 -12.53 -19.33
N LEU A 96 -6.59 -13.74 -19.87
CA LEU A 96 -6.17 -13.95 -21.24
C LEU A 96 -7.33 -14.18 -22.19
N GLY A 97 -7.30 -13.49 -23.32
CA GLY A 97 -8.36 -13.65 -24.29
C GLY A 97 -8.33 -12.72 -25.47
N CYS A 98 -9.45 -12.72 -26.19
CA CYS A 98 -9.57 -11.89 -27.37
C CYS A 98 -11.01 -11.55 -27.70
N GLU A 99 -11.15 -10.58 -28.58
CA GLU A 99 -12.43 -10.11 -29.05
C GLU A 99 -12.14 -10.03 -30.54
N LEU A 100 -13.14 -10.21 -31.38
CA LEU A 100 -12.89 -10.18 -32.82
C LEU A 100 -12.91 -8.80 -33.42
N ALA A 101 -11.89 -8.53 -34.22
CA ALA A 101 -11.80 -7.25 -34.91
C ALA A 101 -12.95 -7.29 -35.91
N PRO A 102 -13.80 -6.25 -35.94
CA PRO A 102 -14.91 -6.31 -36.90
C PRO A 102 -14.35 -6.35 -38.33
N ASP A 103 -13.38 -7.24 -38.52
CA ASP A 103 -12.72 -7.50 -39.79
C ASP A 103 -11.75 -8.68 -39.60
N ASN A 104 -12.31 -9.76 -39.04
CA ASN A 104 -11.61 -11.00 -38.77
C ASN A 104 -10.18 -10.80 -38.34
N SER A 105 -9.97 -10.85 -37.03
CA SER A 105 -8.66 -10.69 -36.45
C SER A 105 -8.80 -10.56 -34.94
N SER A 106 -7.67 -10.61 -34.24
CA SER A 106 -7.69 -10.54 -32.79
C SER A 106 -7.48 -9.16 -32.21
N LEU A 107 -8.11 -8.98 -31.04
CA LEU A 107 -8.02 -7.78 -30.23
C LEU A 107 -7.72 -8.47 -28.90
N PRO A 108 -6.43 -8.76 -28.66
CA PRO A 108 -6.00 -9.45 -27.44
C PRO A 108 -6.07 -8.68 -26.15
N THR A 109 -6.01 -9.45 -25.07
CA THR A 109 -6.02 -8.92 -23.73
C THR A 109 -5.16 -9.85 -22.90
N ALA A 110 -4.34 -9.27 -22.04
CA ALA A 110 -3.47 -10.05 -21.20
C ALA A 110 -2.94 -9.22 -20.03
N VAL A 111 -3.55 -9.37 -18.88
CA VAL A 111 -3.13 -8.63 -17.72
C VAL A 111 -3.03 -9.57 -16.55
N PHE A 112 -2.05 -9.35 -15.69
CA PHE A 112 -1.87 -10.22 -14.57
C PHE A 112 -1.93 -9.43 -13.29
N ALA A 113 -2.53 -10.07 -12.29
CA ALA A 113 -2.67 -9.47 -10.98
C ALA A 113 -2.02 -10.34 -9.94
N LEU A 114 -1.51 -9.70 -8.92
CA LEU A 114 -0.86 -10.43 -7.86
C LEU A 114 -1.42 -9.88 -6.56
N ASN A 115 -1.93 -10.79 -5.74
CA ASN A 115 -2.55 -10.47 -4.47
C ASN A 115 -3.55 -9.33 -4.57
N GLY A 116 -4.48 -9.52 -5.51
CA GLY A 116 -5.55 -8.58 -5.75
C GLY A 116 -5.38 -7.46 -6.75
N GLU A 117 -4.15 -6.99 -6.88
CA GLU A 117 -3.90 -5.86 -7.75
C GLU A 117 -3.03 -6.18 -8.91
N GLU A 118 -3.29 -5.45 -10.00
CA GLU A 118 -2.56 -5.61 -11.25
C GLU A 118 -1.13 -5.13 -11.15
N PHE A 119 -0.23 -5.92 -11.73
CA PHE A 119 1.20 -5.64 -11.70
C PHE A 119 1.91 -6.03 -12.98
N MET A 120 1.19 -6.54 -13.99
CA MET A 120 1.86 -6.92 -15.22
C MET A 120 1.00 -7.03 -16.47
N ARG A 121 1.63 -6.87 -17.62
CA ARG A 121 0.92 -6.95 -18.89
C ARG A 121 1.78 -7.57 -20.00
N PHE A 122 1.13 -8.22 -20.95
CA PHE A 122 1.82 -8.86 -22.04
C PHE A 122 1.41 -8.26 -23.37
N ASN A 123 2.39 -8.00 -24.23
CA ASN A 123 2.08 -7.49 -25.55
C ASN A 123 2.39 -8.67 -26.45
N PRO A 124 1.36 -9.24 -27.07
CA PRO A 124 1.53 -10.39 -27.96
C PRO A 124 2.25 -10.03 -29.25
N ARG A 125 2.10 -8.80 -29.73
CA ARG A 125 2.80 -8.42 -30.94
C ARG A 125 4.29 -8.30 -30.65
N THR A 126 4.69 -7.39 -29.76
CA THR A 126 6.10 -7.19 -29.38
C THR A 126 6.69 -8.41 -28.62
N GLY A 127 5.82 -9.18 -27.98
CA GLY A 127 6.27 -10.33 -27.21
C GLY A 127 6.99 -9.95 -25.93
N ASN A 128 6.56 -8.83 -25.30
CA ASN A 128 7.18 -8.33 -24.08
C ASN A 128 6.25 -8.06 -22.88
N TRP A 129 6.70 -8.42 -21.68
CA TRP A 129 5.96 -8.22 -20.41
C TRP A 129 6.25 -6.84 -19.75
N SER A 130 5.22 -6.05 -19.54
CA SER A 130 5.33 -4.71 -18.97
C SER A 130 4.85 -4.68 -17.54
N GLY A 131 5.31 -3.68 -16.78
CA GLY A 131 4.90 -3.55 -15.40
C GLY A 131 5.75 -2.67 -14.51
N GLU A 132 5.09 -1.92 -13.64
CA GLU A 132 5.74 -0.99 -12.74
C GLU A 132 6.16 -1.54 -11.35
N TRP A 133 6.26 -2.86 -11.19
CA TRP A 133 6.60 -3.42 -9.86
C TRP A 133 7.80 -4.34 -9.67
N PRO A 134 8.20 -4.52 -8.41
CA PRO A 134 9.32 -5.40 -8.15
C PRO A 134 8.90 -6.75 -8.70
N GLU A 135 7.73 -7.21 -8.30
CA GLU A 135 7.23 -8.51 -8.75
C GLU A 135 7.16 -8.62 -10.29
N THR A 136 6.87 -7.51 -10.94
CA THR A 136 6.85 -7.48 -12.39
C THR A 136 8.21 -7.96 -12.92
N ASP A 137 9.27 -7.62 -12.20
CA ASP A 137 10.58 -8.05 -12.65
C ASP A 137 10.78 -9.51 -12.31
N ILE A 138 10.48 -9.89 -11.08
CA ILE A 138 10.66 -11.28 -10.72
C ILE A 138 9.99 -12.23 -11.73
N VAL A 139 8.66 -12.20 -11.77
CA VAL A 139 7.88 -13.03 -12.67
C VAL A 139 8.18 -12.78 -14.15
N GLY A 140 8.07 -11.52 -14.56
CA GLY A 140 8.33 -11.18 -15.95
C GLY A 140 9.63 -11.65 -16.54
N ASN A 141 10.66 -11.73 -15.70
CA ASN A 141 11.97 -12.17 -16.15
C ASN A 141 12.07 -13.68 -16.16
N LEU A 142 11.37 -14.34 -15.23
CA LEU A 142 11.37 -15.79 -15.13
C LEU A 142 10.84 -16.42 -16.39
N TRP A 143 9.79 -15.82 -16.94
CA TRP A 143 9.21 -16.33 -18.15
C TRP A 143 10.04 -15.98 -19.36
N MET A 144 10.29 -14.70 -19.57
CA MET A 144 11.08 -14.22 -20.69
C MET A 144 12.42 -14.98 -20.79
N LYS A 145 12.80 -15.65 -19.69
CA LYS A 145 14.03 -16.43 -19.62
C LYS A 145 13.77 -17.86 -20.04
N GLN A 146 12.85 -18.02 -20.99
CA GLN A 146 12.47 -19.32 -21.55
C GLN A 146 12.20 -18.98 -23.00
N PRO A 147 12.90 -19.66 -23.91
CA PRO A 147 12.79 -19.46 -25.37
C PRO A 147 11.36 -19.56 -25.83
N GLU A 148 10.71 -20.63 -25.41
CA GLU A 148 9.34 -20.86 -25.79
C GLU A 148 8.41 -19.74 -25.34
N ALA A 149 8.47 -19.40 -24.06
CA ALA A 149 7.62 -18.36 -23.47
C ALA A 149 6.93 -17.40 -24.45
N ALA A 150 7.60 -16.30 -24.76
CA ALA A 150 7.06 -15.29 -25.66
C ALA A 150 6.33 -15.81 -26.88
N ARG A 151 6.99 -16.68 -27.65
CA ARG A 151 6.40 -17.22 -28.86
C ARG A 151 5.05 -17.84 -28.56
N LYS A 152 5.06 -18.95 -27.84
CA LYS A 152 3.82 -19.62 -27.47
C LYS A 152 2.77 -18.62 -26.96
N GLU A 153 2.96 -18.12 -25.75
CA GLU A 153 2.03 -17.20 -25.14
C GLU A 153 1.42 -16.23 -26.14
N SER A 154 2.24 -15.79 -27.08
CA SER A 154 1.83 -14.85 -28.10
C SER A 154 0.92 -15.50 -29.14
N GLU A 155 1.26 -16.72 -29.53
CA GLU A 155 0.46 -17.47 -30.50
C GLU A 155 -0.92 -17.81 -29.90
N PHE A 156 -0.93 -18.06 -28.59
CA PHE A 156 -2.14 -18.39 -27.87
C PHE A 156 -3.16 -17.26 -28.02
N LEU A 157 -2.69 -16.02 -27.90
CA LEU A 157 -3.56 -14.86 -28.04
C LEU A 157 -3.82 -14.41 -29.49
N LEU A 158 -2.82 -14.48 -30.36
CA LEU A 158 -3.01 -13.97 -31.70
C LEU A 158 -3.52 -14.95 -32.73
N THR A 159 -3.26 -16.23 -32.54
CA THR A 159 -3.72 -17.22 -33.50
C THR A 159 -4.80 -18.17 -32.98
N SER A 160 -4.45 -18.99 -31.99
CA SER A 160 -5.41 -19.93 -31.40
C SER A 160 -6.66 -19.19 -30.89
N CYS A 161 -6.45 -18.23 -30.00
CA CYS A 161 -7.58 -17.51 -29.46
C CYS A 161 -8.64 -17.09 -30.48
N PRO A 162 -8.30 -16.20 -31.42
CA PRO A 162 -9.28 -15.76 -32.42
C PRO A 162 -9.90 -16.89 -33.22
N GLU A 163 -9.20 -18.01 -33.32
CA GLU A 163 -9.69 -19.15 -34.06
C GLU A 163 -10.77 -19.82 -33.27
N ARG A 164 -10.40 -20.34 -32.11
CA ARG A 164 -11.39 -21.03 -31.29
C ARG A 164 -12.66 -20.19 -31.19
N LEU A 165 -12.49 -18.87 -31.01
CA LEU A 165 -13.62 -17.97 -30.88
C LEU A 165 -14.52 -17.98 -32.09
N LEU A 166 -13.91 -17.84 -33.26
CA LEU A 166 -14.65 -17.83 -34.52
C LEU A 166 -15.33 -19.19 -34.76
N GLY A 167 -14.82 -20.23 -34.12
CA GLY A 167 -15.42 -21.53 -34.26
C GLY A 167 -16.58 -21.77 -33.28
N HIS A 168 -16.65 -20.99 -32.21
CA HIS A 168 -17.74 -21.20 -31.27
C HIS A 168 -18.91 -20.41 -31.76
N LEU A 169 -18.60 -19.40 -32.57
CA LEU A 169 -19.61 -18.53 -33.13
C LEU A 169 -20.38 -19.27 -34.20
N GLU A 170 -19.65 -20.03 -35.01
CA GLU A 170 -20.24 -20.79 -36.09
C GLU A 170 -20.96 -22.01 -35.55
N ARG A 171 -20.27 -22.78 -34.72
CA ARG A 171 -20.85 -24.01 -34.15
C ARG A 171 -21.55 -23.90 -32.78
N GLY A 172 -21.73 -22.68 -32.28
CA GLY A 172 -22.34 -22.54 -30.98
C GLY A 172 -23.55 -21.63 -30.90
N ARG A 173 -23.89 -20.98 -32.00
CA ARG A 173 -25.04 -20.06 -32.04
C ARG A 173 -26.23 -20.51 -31.20
N GLN A 174 -26.64 -21.76 -31.33
CA GLN A 174 -27.76 -22.26 -30.54
C GLN A 174 -27.61 -21.80 -29.11
N ASN A 175 -26.37 -21.81 -28.62
CA ASN A 175 -26.08 -21.42 -27.26
C ASN A 175 -25.96 -19.91 -27.06
N LEU A 176 -25.27 -19.23 -27.96
CA LEU A 176 -25.11 -17.79 -27.78
C LEU A 176 -26.33 -16.97 -28.10
N GLU A 177 -27.18 -17.48 -28.99
CA GLU A 177 -28.39 -16.78 -29.38
C GLU A 177 -29.57 -17.12 -28.48
N TRP A 178 -29.40 -18.14 -27.66
CA TRP A 178 -30.43 -18.55 -26.73
C TRP A 178 -30.99 -17.35 -25.94
N LYS A 179 -32.32 -17.29 -25.82
CA LYS A 179 -32.97 -16.22 -25.08
C LYS A 179 -34.03 -16.78 -24.13
N GLU A 180 -34.22 -16.13 -22.98
CA GLU A 180 -35.22 -16.56 -22.03
C GLU A 180 -35.64 -15.38 -21.17
N PRO A 181 -36.91 -14.95 -21.31
CA PRO A 181 -37.47 -13.84 -20.55
C PRO A 181 -37.62 -14.22 -19.10
N PRO A 182 -37.54 -13.24 -18.20
CA PRO A 182 -37.67 -13.45 -16.76
C PRO A 182 -39.10 -13.52 -16.27
N SER A 183 -39.27 -14.07 -15.08
CA SER A 183 -40.57 -14.16 -14.44
C SER A 183 -40.47 -13.16 -13.31
N MET A 184 -41.35 -12.16 -13.34
CA MET A 184 -41.32 -11.11 -12.36
C MET A 184 -42.23 -11.36 -11.15
N ARG A 185 -41.91 -10.70 -10.05
CA ARG A 185 -42.69 -10.85 -8.84
C ARG A 185 -42.34 -9.66 -7.98
N LEU A 186 -43.32 -8.81 -7.71
CA LEU A 186 -43.10 -7.64 -6.87
C LEU A 186 -43.65 -7.91 -5.46
N LYS A 187 -43.02 -7.35 -4.43
CA LYS A 187 -43.49 -7.57 -3.05
C LYS A 187 -43.13 -6.47 -2.06
N ALA A 188 -43.89 -6.39 -0.96
CA ALA A 188 -43.63 -5.38 0.07
C ALA A 188 -43.32 -5.93 1.45
N ARG A 189 -42.32 -5.35 2.08
CA ARG A 189 -41.93 -5.78 3.42
C ARG A 189 -42.06 -4.58 4.33
N PRO A 190 -42.33 -4.83 5.61
CA PRO A 190 -42.49 -3.75 6.59
C PRO A 190 -41.38 -2.70 6.49
N GLY A 191 -40.24 -3.12 5.96
CA GLY A 191 -39.12 -2.19 5.80
C GLY A 191 -38.77 -1.47 7.09
N ASN A 192 -38.29 -0.24 6.96
CA ASN A 192 -37.91 0.57 8.12
C ASN A 192 -39.12 0.85 9.02
N SER A 193 -39.01 1.87 9.86
CA SER A 193 -40.09 2.26 10.76
C SER A 193 -41.04 3.21 10.06
N GLY A 194 -42.33 2.88 10.10
CA GLY A 194 -43.33 3.72 9.45
C GLY A 194 -43.07 3.81 7.96
N SER A 195 -42.24 2.90 7.46
CA SER A 195 -41.91 2.87 6.04
C SER A 195 -42.14 1.46 5.54
N SER A 196 -41.69 1.17 4.33
CA SER A 196 -41.85 -0.17 3.76
C SER A 196 -40.94 -0.35 2.54
N VAL A 197 -40.56 -1.59 2.24
CA VAL A 197 -39.68 -1.83 1.10
C VAL A 197 -40.26 -2.68 -0.02
N LEU A 198 -40.23 -2.15 -1.24
CA LEU A 198 -40.72 -2.86 -2.40
C LEU A 198 -39.57 -3.59 -3.07
N THR A 199 -39.78 -4.88 -3.36
CA THR A 199 -38.76 -5.69 -3.99
C THR A 199 -39.26 -6.24 -5.30
N CYS A 200 -38.56 -5.95 -6.40
CA CYS A 200 -38.95 -6.50 -7.70
C CYS A 200 -37.92 -7.57 -8.09
N ALA A 201 -38.30 -8.84 -7.95
CA ALA A 201 -37.44 -9.97 -8.29
C ALA A 201 -37.69 -10.53 -9.69
N ALA A 202 -36.60 -10.80 -10.40
CA ALA A 202 -36.65 -11.34 -11.76
C ALA A 202 -36.05 -12.75 -11.74
N PHE A 203 -36.85 -13.74 -12.13
CA PHE A 203 -36.37 -15.11 -12.10
C PHE A 203 -36.01 -15.78 -13.42
N SER A 204 -34.92 -16.55 -13.38
CA SER A 204 -34.42 -17.36 -14.48
C SER A 204 -34.51 -16.77 -15.88
N PHE A 205 -33.66 -15.80 -16.19
CA PHE A 205 -33.66 -15.20 -17.53
C PHE A 205 -32.23 -15.26 -18.01
N TYR A 206 -32.00 -15.42 -19.31
CA TYR A 206 -30.62 -15.54 -19.73
C TYR A 206 -29.76 -14.32 -19.87
N PRO A 207 -29.69 -13.72 -21.07
CA PRO A 207 -28.83 -12.55 -21.20
C PRO A 207 -28.98 -11.73 -19.92
N PRO A 208 -27.91 -11.68 -19.10
CA PRO A 208 -27.99 -10.93 -17.85
C PRO A 208 -28.49 -9.49 -17.99
N GLU A 209 -28.57 -8.99 -19.22
CA GLU A 209 -29.01 -7.60 -19.47
C GLU A 209 -30.48 -7.38 -19.16
N LEU A 210 -30.78 -6.55 -18.16
CA LEU A 210 -32.17 -6.30 -17.79
C LEU A 210 -32.35 -4.93 -17.17
N LYS A 211 -33.47 -4.26 -17.48
CA LYS A 211 -33.72 -2.93 -16.92
C LYS A 211 -35.00 -2.87 -16.11
N PHE A 212 -34.84 -2.65 -14.80
CA PHE A 212 -35.97 -2.51 -13.88
C PHE A 212 -36.40 -1.03 -13.94
N ARG A 213 -37.71 -0.77 -13.85
CA ARG A 213 -38.18 0.60 -13.82
C ARG A 213 -39.39 0.62 -12.90
N PHE A 214 -39.36 1.49 -11.90
CA PHE A 214 -40.49 1.61 -10.98
C PHE A 214 -41.55 2.58 -11.48
N LEU A 215 -42.80 2.29 -11.14
CA LEU A 215 -43.89 3.13 -11.58
C LEU A 215 -44.84 3.53 -10.48
N ARG A 216 -44.95 4.83 -10.26
CA ARG A 216 -45.89 5.31 -9.27
C ARG A 216 -47.04 5.92 -10.04
N ASN A 217 -48.26 5.48 -9.76
CA ASN A 217 -49.43 5.98 -10.46
C ASN A 217 -49.20 6.00 -11.98
N GLY A 218 -48.23 5.21 -12.44
CA GLY A 218 -47.98 5.13 -13.87
C GLY A 218 -46.74 5.82 -14.39
N LEU A 219 -46.37 6.93 -13.76
CA LEU A 219 -45.19 7.69 -14.18
C LEU A 219 -43.91 7.22 -13.49
N ALA A 220 -42.80 7.27 -14.22
CA ALA A 220 -41.49 6.86 -13.71
C ALA A 220 -41.27 7.31 -12.28
N SER A 221 -40.68 6.44 -11.46
CA SER A 221 -40.45 6.74 -10.06
C SER A 221 -39.11 6.22 -9.56
N GLY A 222 -38.22 5.85 -10.49
CA GLY A 222 -36.92 5.37 -10.09
C GLY A 222 -36.44 4.07 -10.71
N SER A 223 -35.38 3.51 -10.13
CA SER A 223 -34.81 2.26 -10.62
C SER A 223 -34.54 1.31 -9.46
N GLY A 224 -34.79 1.76 -8.24
CA GLY A 224 -34.53 0.93 -7.08
C GLY A 224 -33.04 0.68 -7.08
N ASN A 225 -32.60 -0.43 -6.48
CA ASN A 225 -31.18 -0.77 -6.46
C ASN A 225 -31.00 -2.19 -7.02
N CYS A 226 -30.67 -2.25 -8.30
CA CYS A 226 -30.47 -3.49 -9.04
C CYS A 226 -29.27 -4.33 -8.54
N SER A 227 -29.46 -5.64 -8.60
CA SER A 227 -28.45 -6.63 -8.24
C SER A 227 -28.81 -7.86 -9.04
N THR A 228 -27.86 -8.34 -9.80
CA THR A 228 -28.10 -9.51 -10.60
C THR A 228 -27.12 -10.59 -10.17
N GLY A 229 -27.52 -11.84 -10.35
CA GLY A 229 -26.64 -12.93 -9.95
C GLY A 229 -26.93 -14.18 -10.75
N PRO A 230 -26.05 -15.18 -10.66
CA PRO A 230 -26.34 -16.40 -11.43
C PRO A 230 -27.22 -17.38 -10.67
N ASN A 231 -28.08 -18.09 -11.42
CA ASN A 231 -28.99 -19.07 -10.84
C ASN A 231 -28.35 -20.46 -10.76
N GLY A 232 -27.26 -20.65 -11.48
CA GLY A 232 -26.58 -21.93 -11.48
C GLY A 232 -27.21 -22.84 -12.50
N ASP A 233 -28.31 -22.34 -13.04
CA ASP A 233 -29.06 -23.05 -14.03
C ASP A 233 -28.39 -22.68 -15.34
N GLY A 234 -27.60 -21.62 -15.28
CA GLY A 234 -26.94 -21.11 -16.47
C GLY A 234 -27.67 -19.83 -16.77
N SER A 235 -28.79 -19.65 -16.11
CA SER A 235 -29.60 -18.45 -16.27
C SER A 235 -29.21 -17.49 -15.16
N PHE A 236 -29.91 -16.36 -15.12
CA PHE A 236 -29.62 -15.36 -14.11
C PHE A 236 -30.79 -14.95 -13.24
N HIS A 237 -30.45 -14.37 -12.12
CA HIS A 237 -31.43 -13.87 -11.17
C HIS A 237 -31.20 -12.38 -10.86
N ALA A 238 -32.25 -11.59 -10.70
CA ALA A 238 -32.07 -10.17 -10.42
C ALA A 238 -33.17 -9.57 -9.56
N TRP A 239 -32.79 -8.58 -8.75
CA TRP A 239 -33.75 -7.90 -7.88
C TRP A 239 -33.41 -6.45 -7.71
N SER A 240 -34.43 -5.67 -7.38
CA SER A 240 -34.30 -4.23 -7.18
C SER A 240 -35.16 -3.82 -5.97
N LEU A 241 -34.59 -3.00 -5.10
CA LEU A 241 -35.27 -2.54 -3.90
C LEU A 241 -35.60 -1.06 -3.89
N LEU A 242 -36.81 -0.71 -3.44
CA LEU A 242 -37.23 0.68 -3.36
C LEU A 242 -38.00 0.91 -2.08
N GLU A 243 -37.43 1.74 -1.22
CA GLU A 243 -38.06 2.06 0.04
C GLU A 243 -39.07 3.13 -0.28
N VAL A 244 -40.28 2.95 0.25
CA VAL A 244 -41.33 3.92 0.00
C VAL A 244 -42.08 4.27 1.27
N LYS A 245 -43.01 5.21 1.10
CA LYS A 245 -43.86 5.70 2.16
C LYS A 245 -44.86 4.62 2.51
N ARG A 246 -44.75 4.09 3.72
CA ARG A 246 -45.68 3.05 4.16
C ARG A 246 -47.13 3.42 3.80
N GLY A 247 -47.97 2.41 3.61
CA GLY A 247 -49.36 2.65 3.27
C GLY A 247 -49.58 2.90 1.79
N ASP A 248 -48.64 3.58 1.12
CA ASP A 248 -48.77 3.87 -0.31
C ASP A 248 -48.29 2.74 -1.21
N GLU A 249 -48.01 1.60 -0.60
CA GLU A 249 -47.56 0.45 -1.35
C GLU A 249 -48.21 0.33 -2.73
N HIS A 250 -49.54 0.23 -2.76
CA HIS A 250 -50.26 0.00 -3.98
C HIS A 250 -50.25 1.01 -5.11
N HIS A 251 -49.62 2.16 -4.90
CA HIS A 251 -49.59 3.14 -5.97
C HIS A 251 -48.45 2.88 -6.90
N TYR A 252 -47.63 1.89 -6.55
CA TYR A 252 -46.47 1.53 -7.34
C TYR A 252 -46.61 0.18 -8.04
N GLN A 253 -45.99 0.09 -9.21
CA GLN A 253 -45.92 -1.13 -10.00
C GLN A 253 -44.40 -1.31 -10.31
N CYS A 254 -44.04 -2.33 -11.07
CA CYS A 254 -42.66 -2.56 -11.47
C CYS A 254 -42.65 -2.96 -12.93
N GLN A 255 -41.67 -2.48 -13.68
CA GLN A 255 -41.61 -2.81 -15.10
C GLN A 255 -40.19 -3.24 -15.51
N VAL A 256 -40.10 -4.18 -16.44
CA VAL A 256 -38.81 -4.68 -16.88
C VAL A 256 -38.66 -4.66 -18.40
N GLU A 257 -37.42 -4.60 -18.85
CA GLU A 257 -37.08 -4.60 -20.28
C GLU A 257 -36.05 -5.70 -20.47
N HIS A 258 -36.21 -6.49 -21.52
CA HIS A 258 -35.27 -7.58 -21.77
C HIS A 258 -35.53 -8.17 -23.14
N GLU A 259 -34.50 -8.74 -23.76
CA GLU A 259 -34.66 -9.34 -25.08
C GLU A 259 -35.60 -10.53 -25.05
N GLY A 260 -35.79 -11.11 -23.89
CA GLY A 260 -36.69 -12.23 -23.79
C GLY A 260 -38.08 -11.71 -24.02
N LEU A 261 -38.27 -10.43 -23.69
CA LEU A 261 -39.56 -9.79 -23.84
C LEU A 261 -39.67 -8.92 -25.09
N ALA A 262 -40.79 -9.07 -25.80
CA ALA A 262 -41.06 -8.31 -27.01
C ALA A 262 -41.38 -6.88 -26.59
N GLN A 263 -42.15 -6.78 -25.50
CA GLN A 263 -42.53 -5.48 -24.98
C GLN A 263 -42.19 -5.42 -23.50
N PRO A 264 -42.06 -4.21 -22.95
CA PRO A 264 -41.73 -4.06 -21.54
C PRO A 264 -42.77 -4.78 -20.71
N LEU A 265 -42.35 -5.36 -19.59
CA LEU A 265 -43.26 -6.09 -18.75
C LEU A 265 -43.56 -5.43 -17.39
N THR A 266 -44.84 -5.18 -17.15
CA THR A 266 -45.29 -4.54 -15.92
C THR A 266 -45.89 -5.53 -14.94
N VAL A 267 -45.46 -5.45 -13.68
CA VAL A 267 -45.99 -6.35 -12.66
C VAL A 267 -46.61 -5.60 -11.50
N ASP A 268 -47.47 -6.29 -10.77
CA ASP A 268 -48.16 -5.71 -9.63
C ASP A 268 -47.91 -6.54 -8.41
N LEU A 269 -48.45 -6.09 -7.29
CA LEU A 269 -48.35 -6.80 -6.03
C LEU A 269 -49.57 -7.69 -5.92
N ILE B 1 -5.32 -5.80 -2.61
CA ILE B 1 -5.74 -5.74 -1.16
C ILE B 1 -6.77 -6.78 -0.82
N GLN B 2 -6.89 -7.14 0.45
CA GLN B 2 -7.92 -8.11 0.82
C GLN B 2 -9.31 -7.43 0.80
N LYS B 3 -10.34 -8.17 0.39
CA LYS B 3 -11.69 -7.62 0.33
C LYS B 3 -12.71 -8.49 1.04
N THR B 4 -13.78 -7.90 1.56
CA THR B 4 -14.79 -8.68 2.26
C THR B 4 -15.89 -9.21 1.33
N PRO B 5 -16.44 -10.38 1.64
CA PRO B 5 -17.49 -11.05 0.88
C PRO B 5 -18.85 -10.37 0.69
N GLN B 6 -19.42 -10.55 -0.49
CA GLN B 6 -20.74 -10.02 -0.82
C GLN B 6 -21.72 -11.22 -0.83
N ILE B 7 -22.33 -11.47 0.33
CA ILE B 7 -23.26 -12.59 0.53
C ILE B 7 -24.73 -12.27 0.25
N GLN B 8 -25.31 -12.95 -0.73
CA GLN B 8 -26.72 -12.74 -1.12
C GLN B 8 -27.48 -14.05 -1.38
N VAL B 9 -28.57 -14.26 -0.64
CA VAL B 9 -29.37 -15.49 -0.76
C VAL B 9 -30.69 -15.30 -1.51
N TYR B 10 -30.98 -16.23 -2.41
CA TYR B 10 -32.20 -16.13 -3.20
C TYR B 10 -32.54 -17.46 -3.91
N SER B 11 -33.80 -17.65 -4.31
CA SER B 11 -34.24 -18.89 -4.97
C SER B 11 -34.23 -18.82 -6.51
N ARG B 12 -34.25 -19.99 -7.15
CA ARG B 12 -34.20 -20.06 -8.60
C ARG B 12 -35.50 -19.74 -9.27
N HIS B 13 -36.59 -20.20 -8.66
CA HIS B 13 -37.92 -19.95 -9.20
C HIS B 13 -38.67 -19.33 -8.04
N PRO B 14 -39.72 -18.56 -8.33
CA PRO B 14 -40.54 -17.90 -7.31
C PRO B 14 -40.90 -18.92 -6.24
N PRO B 15 -40.59 -18.62 -4.98
CA PRO B 15 -40.92 -19.59 -3.93
C PRO B 15 -42.39 -19.72 -3.62
N GLU B 16 -42.80 -20.95 -3.32
CA GLU B 16 -44.17 -21.26 -2.95
C GLU B 16 -44.13 -22.40 -1.93
N ASN B 17 -44.36 -22.06 -0.66
CA ASN B 17 -44.35 -23.03 0.43
C ASN B 17 -44.80 -24.45 0.09
N GLY B 18 -43.93 -25.40 0.46
CA GLY B 18 -44.19 -26.81 0.21
C GLY B 18 -43.42 -27.34 -0.97
N LYS B 19 -43.68 -26.79 -2.14
CA LYS B 19 -43.08 -27.20 -3.42
C LYS B 19 -41.54 -27.14 -3.59
N PRO B 20 -41.00 -28.06 -4.39
CA PRO B 20 -39.56 -28.19 -4.70
C PRO B 20 -38.99 -26.98 -5.44
N ASN B 21 -37.84 -26.51 -4.96
CA ASN B 21 -37.14 -25.36 -5.53
C ASN B 21 -35.64 -25.54 -5.31
N PHE B 22 -34.89 -24.48 -5.60
CA PHE B 22 -33.43 -24.48 -5.42
C PHE B 22 -32.98 -23.21 -4.73
N LEU B 23 -32.17 -23.39 -3.71
CA LEU B 23 -31.64 -22.28 -2.94
C LEU B 23 -30.25 -21.96 -3.43
N ASN B 24 -29.98 -20.67 -3.66
CA ASN B 24 -28.69 -20.20 -4.14
C ASN B 24 -28.09 -19.23 -3.15
N CYS B 25 -26.76 -19.31 -3.00
CA CYS B 25 -26.02 -18.39 -2.14
C CYS B 25 -24.85 -17.83 -2.96
N TYR B 26 -25.00 -16.59 -3.42
CA TYR B 26 -23.96 -15.97 -4.24
C TYR B 26 -22.94 -15.19 -3.41
N VAL B 27 -21.69 -15.66 -3.43
CA VAL B 27 -20.64 -15.00 -2.68
C VAL B 27 -19.64 -14.37 -3.65
N SER B 28 -19.61 -13.04 -3.67
CA SER B 28 -18.75 -12.30 -4.57
C SER B 28 -17.96 -11.15 -3.95
N GLN B 29 -17.17 -10.48 -4.80
CA GLN B 29 -16.36 -9.35 -4.39
C GLN B 29 -15.33 -9.65 -3.30
N PHE B 30 -14.83 -10.90 -3.24
CA PHE B 30 -13.83 -11.15 -2.20
C PHE B 30 -12.43 -11.47 -2.69
N HIS B 31 -11.53 -11.42 -1.71
CA HIS B 31 -10.11 -11.64 -1.90
C HIS B 31 -9.44 -11.68 -0.54
N PRO B 32 -8.54 -12.65 -0.31
CA PRO B 32 -8.11 -13.72 -1.23
C PRO B 32 -9.17 -14.79 -1.43
N PRO B 33 -8.90 -15.75 -2.33
CA PRO B 33 -9.83 -16.83 -2.61
C PRO B 33 -10.07 -17.88 -1.53
N GLN B 34 -9.16 -18.07 -0.59
CA GLN B 34 -9.45 -19.10 0.42
C GLN B 34 -10.76 -18.72 1.13
N ILE B 35 -11.77 -19.59 1.06
CA ILE B 35 -13.02 -19.28 1.73
C ILE B 35 -13.77 -20.55 2.15
N GLU B 36 -14.72 -20.38 3.08
CA GLU B 36 -15.55 -21.44 3.61
C GLU B 36 -16.99 -20.98 3.49
N ILE B 37 -17.80 -21.70 2.74
CA ILE B 37 -19.20 -21.31 2.55
C ILE B 37 -20.18 -22.43 2.84
N GLU B 38 -21.21 -22.15 3.62
CA GLU B 38 -22.22 -23.16 3.90
C GLU B 38 -23.64 -22.64 4.05
N LEU B 39 -24.59 -23.49 3.68
CA LEU B 39 -26.03 -23.20 3.76
C LEU B 39 -26.55 -23.83 5.05
N LEU B 40 -27.64 -23.29 5.57
CA LEU B 40 -28.23 -23.84 6.79
C LEU B 40 -29.75 -23.94 6.69
N LYS B 41 -30.31 -24.78 7.54
CA LYS B 41 -31.74 -24.97 7.61
C LYS B 41 -32.04 -24.91 9.08
N ASN B 42 -32.64 -23.81 9.51
CA ASN B 42 -32.97 -23.63 10.92
C ASN B 42 -31.72 -23.69 11.79
N GLY B 43 -30.56 -23.56 11.16
CA GLY B 43 -29.32 -23.57 11.91
C GLY B 43 -28.38 -24.69 11.57
N LYS B 44 -28.88 -25.76 10.97
CA LYS B 44 -27.99 -26.88 10.64
C LYS B 44 -27.39 -26.86 9.24
N LYS B 45 -26.27 -27.56 9.11
CA LYS B 45 -25.52 -27.62 7.89
C LYS B 45 -26.10 -28.47 6.75
N ILE B 46 -27.05 -27.90 6.01
CA ILE B 46 -27.65 -28.58 4.84
C ILE B 46 -26.46 -29.22 4.15
N PRO B 47 -26.50 -30.54 3.91
CA PRO B 47 -25.32 -31.09 3.25
C PRO B 47 -25.51 -31.42 1.79
N ASN B 48 -24.41 -31.78 1.14
CA ASN B 48 -24.40 -32.17 -0.25
C ASN B 48 -24.80 -31.04 -1.19
N ILE B 49 -24.28 -29.85 -0.93
CA ILE B 49 -24.59 -28.70 -1.78
C ILE B 49 -23.59 -28.66 -2.92
N GLU B 50 -23.96 -28.01 -4.02
CA GLU B 50 -23.08 -27.90 -5.18
C GLU B 50 -22.47 -26.50 -5.18
N MET B 51 -21.27 -26.38 -5.75
CA MET B 51 -20.60 -25.10 -5.84
C MET B 51 -20.03 -24.92 -7.21
N SER B 52 -20.27 -23.78 -7.83
CA SER B 52 -19.74 -23.50 -9.17
C SER B 52 -18.20 -23.38 -9.16
N ASP B 53 -17.57 -23.40 -10.33
CA ASP B 53 -16.12 -23.25 -10.43
C ASP B 53 -15.85 -21.84 -9.90
N LEU B 54 -14.77 -21.64 -9.15
CA LEU B 54 -14.43 -20.35 -8.59
C LEU B 54 -13.95 -19.41 -9.71
N SER B 55 -14.53 -18.21 -9.78
CA SER B 55 -14.14 -17.25 -10.81
C SER B 55 -13.90 -15.84 -10.25
N PHE B 56 -13.65 -14.87 -11.15
CA PHE B 56 -13.40 -13.50 -10.73
C PHE B 56 -13.71 -12.48 -11.83
N SER B 57 -14.04 -11.25 -11.43
CA SER B 57 -14.40 -10.20 -12.39
C SER B 57 -13.19 -9.45 -12.87
N LYS B 58 -13.43 -8.41 -13.66
CA LYS B 58 -12.35 -7.57 -14.20
C LYS B 58 -11.55 -6.93 -13.07
N ASP B 59 -12.16 -6.78 -11.91
CA ASP B 59 -11.47 -6.18 -10.77
C ASP B 59 -10.66 -7.20 -9.98
N TRP B 60 -10.65 -8.45 -10.44
CA TRP B 60 -9.88 -9.54 -9.81
C TRP B 60 -10.48 -10.08 -8.52
N SER B 61 -11.69 -9.64 -8.20
CA SER B 61 -12.34 -10.16 -7.02
C SER B 61 -13.07 -11.48 -7.40
N PHE B 62 -13.06 -12.43 -6.49
CA PHE B 62 -13.64 -13.73 -6.72
C PHE B 62 -15.11 -13.87 -6.43
N TYR B 63 -15.82 -14.55 -7.33
CA TYR B 63 -17.24 -14.82 -7.17
C TYR B 63 -17.53 -16.30 -7.31
N ILE B 64 -18.40 -16.82 -6.47
CA ILE B 64 -18.72 -18.24 -6.53
C ILE B 64 -20.15 -18.49 -6.12
N LEU B 65 -20.77 -19.51 -6.72
CA LEU B 65 -22.15 -19.82 -6.39
C LEU B 65 -22.40 -21.17 -5.69
N ALA B 66 -23.01 -21.10 -4.51
CA ALA B 66 -23.35 -22.29 -3.71
C ALA B 66 -24.85 -22.50 -3.75
N HIS B 67 -25.25 -23.71 -4.14
CA HIS B 67 -26.67 -24.01 -4.26
C HIS B 67 -27.04 -25.48 -4.08
N THR B 68 -28.18 -25.68 -3.41
CA THR B 68 -28.72 -27.00 -3.16
C THR B 68 -30.23 -26.96 -3.27
N GLU B 69 -30.84 -28.13 -3.34
CA GLU B 69 -32.28 -28.21 -3.45
C GLU B 69 -32.99 -28.03 -2.10
N PHE B 70 -34.21 -27.53 -2.14
CA PHE B 70 -34.98 -27.38 -0.91
C PHE B 70 -36.45 -27.13 -1.21
N THR B 71 -37.27 -27.11 -0.17
CA THR B 71 -38.69 -26.84 -0.34
C THR B 71 -39.17 -26.03 0.86
N PRO B 72 -39.50 -24.77 0.63
CA PRO B 72 -39.97 -23.80 1.62
C PRO B 72 -41.16 -24.30 2.45
N THR B 73 -41.39 -23.63 3.57
CA THR B 73 -42.48 -23.93 4.49
C THR B 73 -42.50 -22.78 5.47
N GLU B 74 -43.68 -22.35 5.88
CA GLU B 74 -43.80 -21.24 6.83
C GLU B 74 -42.92 -21.39 8.07
N THR B 75 -42.43 -22.60 8.33
CA THR B 75 -41.60 -22.82 9.50
C THR B 75 -40.09 -22.72 9.25
N ASP B 76 -39.59 -23.62 8.39
CA ASP B 76 -38.17 -23.68 8.04
C ASP B 76 -37.49 -22.43 7.52
N VAL B 77 -36.47 -21.96 8.23
CA VAL B 77 -35.72 -20.78 7.79
C VAL B 77 -34.33 -21.18 7.31
N TYR B 78 -33.99 -20.74 6.11
CA TYR B 78 -32.72 -21.04 5.46
C TYR B 78 -31.78 -19.82 5.47
N ALA B 79 -30.48 -20.06 5.59
CA ALA B 79 -29.50 -18.96 5.59
C ALA B 79 -28.14 -19.43 5.10
N CYS B 80 -27.33 -18.47 4.68
CA CYS B 80 -26.01 -18.77 4.17
C CYS B 80 -24.99 -18.28 5.17
N ARG B 81 -23.93 -19.06 5.39
CA ARG B 81 -22.90 -18.65 6.35
C ARG B 81 -21.50 -18.85 5.79
N VAL B 82 -20.71 -17.78 5.75
CA VAL B 82 -19.36 -17.87 5.24
C VAL B 82 -18.31 -17.46 6.26
N LYS B 83 -17.11 -18.04 6.11
CA LYS B 83 -15.96 -17.78 6.95
C LYS B 83 -14.81 -17.33 6.02
N HIS B 84 -14.25 -16.15 6.29
CA HIS B 84 -13.17 -15.60 5.47
C HIS B 84 -12.25 -14.76 6.36
N VAL B 85 -11.07 -14.38 5.90
CA VAL B 85 -10.19 -13.58 6.76
C VAL B 85 -10.75 -12.23 7.06
N THR B 86 -11.30 -11.57 6.05
CA THR B 86 -11.83 -10.22 6.25
C THR B 86 -12.93 -10.21 7.29
N LEU B 87 -13.37 -11.40 7.67
CA LEU B 87 -14.44 -11.54 8.62
C LEU B 87 -13.91 -11.80 10.00
N LYS B 88 -14.33 -10.96 10.95
CA LYS B 88 -13.92 -11.13 12.34
C LYS B 88 -14.61 -12.42 12.85
N GLU B 89 -15.93 -12.47 12.71
CA GLU B 89 -16.74 -13.64 13.11
C GLU B 89 -17.35 -14.15 11.81
N PRO B 90 -18.02 -15.32 11.83
CA PRO B 90 -18.63 -15.82 10.59
C PRO B 90 -19.95 -15.11 10.30
N LYS B 91 -20.04 -14.48 9.14
CA LYS B 91 -21.24 -13.76 8.76
C LYS B 91 -22.34 -14.71 8.29
N THR B 92 -23.56 -14.48 8.75
CA THR B 92 -24.68 -15.32 8.36
C THR B 92 -25.79 -14.52 7.75
N VAL B 93 -26.04 -14.74 6.48
CA VAL B 93 -27.10 -14.03 5.83
C VAL B 93 -28.29 -14.96 5.75
N THR B 94 -29.39 -14.48 6.29
CA THR B 94 -30.62 -15.21 6.33
C THR B 94 -31.42 -14.90 5.10
N TRP B 95 -32.05 -15.94 4.54
CA TRP B 95 -32.87 -15.82 3.33
C TRP B 95 -34.11 -14.97 3.51
N ASP B 96 -34.34 -14.12 2.51
CA ASP B 96 -35.49 -13.24 2.48
C ASP B 96 -36.39 -13.65 1.30
N ARG B 97 -37.47 -14.34 1.64
CA ARG B 97 -38.43 -14.87 0.66
C ARG B 97 -38.87 -13.91 -0.46
N ASP B 98 -38.49 -12.64 -0.36
CA ASP B 98 -38.89 -11.68 -1.38
C ASP B 98 -37.83 -11.36 -2.41
N MET B 99 -36.61 -11.85 -2.19
CA MET B 99 -35.54 -11.55 -3.14
C MET B 99 -35.44 -12.46 -4.33
N SER C 17 -6.04 14.03 21.58
CA SER C 17 -5.28 14.46 20.37
C SER C 17 -5.16 13.33 19.33
N VAL C 18 -5.19 13.70 18.04
CA VAL C 18 -5.14 12.72 16.95
C VAL C 18 -3.95 12.87 16.00
N PHE C 19 -3.47 11.74 15.47
CA PHE C 19 -2.34 11.78 14.56
C PHE C 19 -2.50 10.84 13.36
N ILE C 20 -2.12 11.35 12.20
CA ILE C 20 -2.22 10.63 10.94
C ILE C 20 -0.82 10.33 10.40
N PHE C 21 -0.56 9.06 10.08
CA PHE C 21 0.75 8.65 9.55
C PHE C 21 0.56 7.91 8.22
N PRO C 22 1.45 8.17 7.24
CA PRO C 22 1.42 7.55 5.92
C PRO C 22 1.99 6.14 5.97
N PRO C 23 1.85 5.40 4.87
CA PRO C 23 2.32 4.03 4.79
C PRO C 23 3.80 4.02 4.61
N LYS C 24 4.41 2.89 5.00
CA LYS C 24 5.83 2.67 4.85
C LYS C 24 6.06 2.62 3.35
N THR C 25 7.18 3.19 2.90
CA THR C 25 7.52 3.22 1.49
C THR C 25 7.65 1.79 0.94
N LYS C 26 8.11 0.88 1.80
CA LYS C 26 8.26 -0.50 1.40
C LYS C 26 6.91 -1.09 1.03
N ASP C 27 5.96 -1.05 1.95
CA ASP C 27 4.66 -1.63 1.65
C ASP C 27 4.02 -1.01 0.41
N VAL C 28 4.21 0.29 0.22
CA VAL C 28 3.63 0.96 -0.94
C VAL C 28 4.30 0.62 -2.28
N LEU C 29 5.60 0.40 -2.26
CA LEU C 29 6.33 0.14 -3.48
C LEU C 29 6.43 -1.30 -3.92
N THR C 30 6.03 -2.21 -3.05
CA THR C 30 6.02 -3.62 -3.40
C THR C 30 4.59 -4.15 -3.22
N ILE C 31 4.01 -4.55 -4.35
CA ILE C 31 2.63 -4.98 -4.43
C ILE C 31 2.22 -6.12 -3.53
N THR C 32 3.15 -7.01 -3.30
CA THR C 32 2.91 -8.16 -2.47
C THR C 32 2.69 -7.77 -0.98
N LEU C 33 3.10 -6.56 -0.58
CA LEU C 33 2.92 -6.13 0.81
C LEU C 33 1.68 -5.25 1.05
N THR C 34 1.35 -5.00 2.32
CA THR C 34 0.17 -4.20 2.56
C THR C 34 0.32 -2.88 3.31
N PRO C 35 0.31 -1.78 2.54
CA PRO C 35 0.42 -0.39 2.98
C PRO C 35 -0.82 0.01 3.77
N LYS C 36 -0.62 0.55 4.96
CA LYS C 36 -1.76 0.96 5.77
C LYS C 36 -1.61 2.41 6.19
N VAL C 37 -2.73 3.13 6.24
CA VAL C 37 -2.67 4.52 6.69
C VAL C 37 -3.09 4.48 8.13
N THR C 38 -2.31 5.11 9.01
CA THR C 38 -2.61 5.07 10.44
C THR C 38 -3.09 6.35 11.11
N CYS C 39 -4.05 6.17 12.02
CA CYS C 39 -4.60 7.28 12.79
C CYS C 39 -4.53 6.92 14.27
N VAL C 40 -3.81 7.72 15.04
CA VAL C 40 -3.65 7.46 16.47
C VAL C 40 -4.22 8.59 17.34
N VAL C 41 -4.90 8.20 18.40
CA VAL C 41 -5.53 9.14 19.35
C VAL C 41 -4.98 8.97 20.75
N VAL C 42 -4.34 10.00 21.29
CA VAL C 42 -3.78 9.91 22.64
C VAL C 42 -4.57 10.76 23.65
N ASP C 43 -4.16 10.70 24.91
CA ASP C 43 -4.77 11.46 26.00
C ASP C 43 -6.25 11.22 26.18
N ILE C 44 -6.58 10.21 26.98
CA ILE C 44 -7.97 9.86 27.28
C ILE C 44 -8.01 9.34 28.71
N SER C 45 -8.30 10.24 29.65
CA SER C 45 -8.36 9.88 31.07
C SER C 45 -9.64 9.10 31.39
N GLN C 46 -10.01 8.23 30.47
CA GLN C 46 -11.20 7.40 30.59
C GLN C 46 -12.47 8.21 30.40
N ASN C 47 -12.76 8.57 29.16
CA ASN C 47 -13.97 9.31 28.84
C ASN C 47 -14.93 8.26 28.28
N ASP C 48 -15.22 8.36 26.99
CA ASP C 48 -16.06 7.39 26.32
C ASP C 48 -15.16 6.77 25.26
N PRO C 49 -14.09 6.08 25.71
CA PRO C 49 -13.09 5.40 24.88
C PRO C 49 -13.63 4.56 23.73
N GLU C 50 -14.95 4.50 23.61
CA GLU C 50 -15.58 3.76 22.52
C GLU C 50 -15.31 4.59 21.27
N VAL C 51 -14.39 5.56 21.44
CA VAL C 51 -13.94 6.49 20.42
C VAL C 51 -14.20 6.00 18.99
N ARG C 52 -15.23 6.56 18.37
CA ARG C 52 -15.63 6.22 17.02
C ARG C 52 -14.50 6.55 16.06
N PHE C 53 -14.56 5.96 14.88
CA PHE C 53 -13.57 6.18 13.83
C PHE C 53 -14.22 6.17 12.46
N SER C 54 -14.01 7.22 11.67
CA SER C 54 -14.59 7.30 10.33
C SER C 54 -13.50 7.51 9.28
N TRP C 55 -13.47 6.67 8.25
CA TRP C 55 -12.45 6.85 7.23
C TRP C 55 -13.08 7.21 5.89
N PHE C 56 -12.31 7.86 5.03
CA PHE C 56 -12.82 8.25 3.71
C PHE C 56 -11.68 8.29 2.70
N ILE C 57 -11.96 7.86 1.48
CA ILE C 57 -10.97 7.91 0.41
C ILE C 57 -11.58 8.85 -0.62
N ASP C 58 -10.95 10.02 -0.80
CA ASP C 58 -11.44 11.03 -1.71
C ASP C 58 -12.85 11.37 -1.24
N ASP C 59 -12.96 11.63 0.05
CA ASP C 59 -14.22 11.99 0.68
C ASP C 59 -15.38 11.03 0.54
N VAL C 60 -15.06 9.74 0.56
CA VAL C 60 -16.07 8.70 0.52
C VAL C 60 -15.81 7.77 1.68
N GLU C 61 -16.80 7.62 2.54
CA GLU C 61 -16.65 6.77 3.71
C GLU C 61 -16.34 5.34 3.31
N VAL C 62 -15.67 4.64 4.22
CA VAL C 62 -15.26 3.26 4.03
C VAL C 62 -15.23 2.60 5.40
N HIS C 63 -15.54 1.31 5.45
CA HIS C 63 -15.59 0.58 6.71
C HIS C 63 -14.67 -0.61 6.67
N THR C 64 -13.43 -0.36 6.31
CA THR C 64 -12.45 -1.41 6.20
C THR C 64 -11.39 -1.35 7.27
N ALA C 65 -11.23 -0.19 7.87
CA ALA C 65 -10.20 -0.04 8.89
C ALA C 65 -10.14 -1.20 9.88
N GLN C 66 -9.07 -1.19 10.68
CA GLN C 66 -8.85 -2.17 11.73
C GLN C 66 -8.45 -1.29 12.92
N THR C 67 -9.40 -1.05 13.79
CA THR C 67 -9.16 -0.23 14.98
C THR C 67 -8.70 -1.17 16.08
N HIS C 68 -7.75 -0.73 16.89
CA HIS C 68 -7.23 -1.58 17.97
C HIS C 68 -7.53 -1.09 19.37
N ALA C 69 -8.38 -1.83 20.06
CA ALA C 69 -8.78 -1.53 21.42
C ALA C 69 -7.73 -0.65 22.11
N PRO C 70 -8.18 0.44 22.73
CA PRO C 70 -7.35 1.42 23.44
C PRO C 70 -6.28 0.81 24.35
N GLU C 71 -5.31 1.62 24.74
CA GLU C 71 -4.22 1.16 25.59
C GLU C 71 -3.67 2.26 26.49
N LYS C 72 -3.59 1.95 27.78
CA LYS C 72 -3.08 2.90 28.76
C LYS C 72 -1.56 2.86 28.79
N GLN C 73 -0.96 4.03 28.77
CA GLN C 73 0.49 4.17 28.78
C GLN C 73 0.97 4.49 30.19
N SER C 74 2.23 4.88 30.32
CA SER C 74 2.82 5.22 31.61
C SER C 74 2.55 6.66 32.02
N ASN C 75 1.28 7.07 31.92
CA ASN C 75 0.88 8.43 32.29
C ASN C 75 -0.59 8.52 32.66
N SER C 76 -1.24 7.36 32.76
CA SER C 76 -2.66 7.30 33.12
C SER C 76 -3.54 7.85 32.02
N THR C 77 -2.96 8.07 30.84
CA THR C 77 -3.71 8.58 29.71
C THR C 77 -3.92 7.42 28.74
N LEU C 78 -5.13 7.31 28.21
CA LEU C 78 -5.45 6.23 27.29
C LEU C 78 -5.07 6.60 25.84
N ARG C 79 -4.71 5.58 25.06
CA ARG C 79 -4.29 5.76 23.67
C ARG C 79 -5.02 4.76 22.78
N SER C 80 -5.19 5.09 21.50
CA SER C 80 -5.87 4.18 20.58
C SER C 80 -5.31 4.25 19.14
N VAL C 81 -5.55 3.20 18.37
CA VAL C 81 -5.07 3.17 17.00
C VAL C 81 -6.00 2.54 15.96
N SER C 82 -6.04 3.17 14.80
CA SER C 82 -6.84 2.69 13.69
C SER C 82 -6.00 2.63 12.42
N GLU C 83 -5.82 1.42 11.93
CA GLU C 83 -5.04 1.17 10.73
C GLU C 83 -5.99 0.96 9.57
N LEU C 84 -5.71 1.63 8.46
CA LEU C 84 -6.53 1.46 7.30
C LEU C 84 -5.72 0.83 6.18
N PRO C 85 -6.10 -0.41 5.77
CA PRO C 85 -5.39 -1.09 4.68
C PRO C 85 -5.74 -0.28 3.43
N ILE C 86 -4.72 -0.02 2.62
CA ILE C 86 -4.85 0.82 1.45
C ILE C 86 -4.35 0.16 0.16
N VAL C 87 -5.00 0.48 -0.96
CA VAL C 87 -4.64 -0.07 -2.26
C VAL C 87 -3.45 0.69 -2.83
N HIS C 88 -2.37 -0.02 -3.11
CA HIS C 88 -1.15 0.61 -3.63
C HIS C 88 -1.40 1.74 -4.63
N ARG C 89 -2.27 1.57 -5.60
CA ARG C 89 -2.45 2.70 -6.50
C ARG C 89 -3.20 3.89 -5.92
N ASP C 90 -4.18 3.66 -5.06
CA ASP C 90 -4.91 4.78 -4.49
C ASP C 90 -3.90 5.79 -3.94
N TRP C 91 -2.81 5.30 -3.37
CA TRP C 91 -1.80 6.17 -2.82
C TRP C 91 -1.07 6.80 -3.98
N LEU C 92 -0.30 6.00 -4.71
CA LEU C 92 0.48 6.50 -5.84
C LEU C 92 -0.25 7.44 -6.81
N ASN C 93 -1.58 7.31 -6.92
CA ASN C 93 -2.34 8.16 -7.81
C ASN C 93 -2.81 9.46 -7.19
N GLY C 94 -2.60 9.64 -5.90
CA GLY C 94 -2.98 10.88 -5.24
C GLY C 94 -4.21 10.96 -4.36
N LYS C 95 -4.85 9.84 -4.08
CA LYS C 95 -6.06 9.91 -3.26
C LYS C 95 -5.81 10.44 -1.86
N THR C 96 -6.79 11.15 -1.34
CA THR C 96 -6.67 11.74 -0.03
C THR C 96 -7.46 10.94 0.99
N PHE C 97 -6.78 10.49 2.01
CA PHE C 97 -7.39 9.68 3.05
C PHE C 97 -7.58 10.52 4.31
N LYS C 98 -8.83 10.54 4.78
CA LYS C 98 -9.15 11.28 5.98
C LYS C 98 -9.70 10.35 7.05
N CYS C 99 -9.35 10.64 8.29
CA CYS C 99 -9.83 9.86 9.40
C CYS C 99 -10.34 10.87 10.41
N LYS C 100 -11.62 10.78 10.73
CA LYS C 100 -12.26 11.67 11.68
C LYS C 100 -12.57 10.88 12.94
N VAL C 101 -12.07 11.37 14.07
CA VAL C 101 -12.30 10.71 15.35
C VAL C 101 -13.39 11.42 16.12
N ASN C 102 -14.29 10.63 16.69
CA ASN C 102 -15.42 11.19 17.44
C ASN C 102 -15.53 10.66 18.87
N SER C 103 -16.14 11.49 19.72
CA SER C 103 -16.35 11.19 21.13
C SER C 103 -17.22 12.25 21.78
N GLY C 104 -18.04 11.82 22.72
CA GLY C 104 -18.90 12.77 23.41
C GLY C 104 -18.04 13.85 24.06
N ALA C 105 -17.03 13.41 24.82
CA ALA C 105 -16.11 14.32 25.50
C ALA C 105 -15.68 15.42 24.55
N PHE C 106 -15.20 15.01 23.37
CA PHE C 106 -14.75 15.94 22.35
C PHE C 106 -15.91 16.87 21.95
N PRO C 107 -15.62 18.17 21.80
CA PRO C 107 -16.68 19.12 21.41
C PRO C 107 -17.17 18.71 20.03
N ALA C 108 -16.37 19.06 19.03
CA ALA C 108 -16.66 18.74 17.64
C ALA C 108 -15.67 17.65 17.23
N PRO C 109 -16.03 16.85 16.21
CA PRO C 109 -15.14 15.79 15.76
C PRO C 109 -13.79 16.31 15.30
N ILE C 110 -12.74 15.56 15.60
CA ILE C 110 -11.39 15.94 15.20
C ILE C 110 -11.08 15.15 13.94
N GLU C 111 -10.59 15.85 12.93
CA GLU C 111 -10.31 15.23 11.65
C GLU C 111 -8.95 15.57 11.05
N LYS C 112 -8.24 14.56 10.58
CA LYS C 112 -6.94 14.76 9.94
C LYS C 112 -7.00 14.15 8.53
N SER C 113 -6.16 14.64 7.63
CA SER C 113 -6.17 14.17 6.27
C SER C 113 -4.80 14.18 5.65
N ILE C 114 -4.46 13.15 4.86
CA ILE C 114 -3.17 13.13 4.18
C ILE C 114 -3.19 12.33 2.92
N SER C 115 -2.41 12.77 1.94
CA SER C 115 -2.27 12.05 0.68
C SER C 115 -0.77 12.10 0.34
N LYS C 116 -0.35 11.38 -0.70
CA LYS C 116 1.07 11.35 -1.06
C LYS C 116 1.64 12.72 -1.34
N PRO C 117 2.85 13.01 -0.84
CA PRO C 117 3.51 14.30 -1.06
C PRO C 117 3.70 14.57 -2.53
N GLU C 118 3.09 15.66 -2.99
CA GLU C 118 3.13 16.11 -4.37
C GLU C 118 4.55 16.19 -4.94
N GLY C 119 4.67 16.33 -6.26
CA GLY C 119 5.98 16.42 -6.89
C GLY C 119 6.42 15.29 -7.83
N THR C 120 7.05 15.67 -8.95
CA THR C 120 7.53 14.70 -9.92
C THR C 120 8.48 13.71 -9.26
N PRO C 121 8.23 12.41 -9.42
CA PRO C 121 9.16 11.50 -8.77
C PRO C 121 10.54 11.56 -9.40
N ARG C 122 11.54 11.89 -8.60
CA ARG C 122 12.93 11.94 -9.06
C ARG C 122 13.56 10.72 -8.40
N GLY C 123 14.12 9.83 -9.21
CA GLY C 123 14.74 8.62 -8.68
C GLY C 123 16.22 8.77 -8.32
N PRO C 124 16.69 8.04 -7.29
CA PRO C 124 18.05 8.03 -6.77
C PRO C 124 19.14 7.42 -7.62
N GLN C 125 20.35 7.90 -7.40
CA GLN C 125 21.54 7.36 -8.06
C GLN C 125 22.17 6.63 -6.90
N VAL C 126 22.53 5.37 -7.07
CA VAL C 126 23.11 4.62 -5.94
C VAL C 126 24.53 4.15 -6.18
N TYR C 127 25.36 4.26 -5.14
CA TYR C 127 26.75 3.86 -5.21
C TYR C 127 27.18 3.18 -3.94
N THR C 128 28.08 2.23 -4.07
CA THR C 128 28.61 1.53 -2.92
C THR C 128 30.07 1.96 -2.78
N MET C 129 30.56 1.95 -1.55
CA MET C 129 31.94 2.34 -1.27
C MET C 129 32.56 1.42 -0.21
N ALA C 130 33.74 0.91 -0.50
CA ALA C 130 34.40 0.00 0.42
C ALA C 130 34.88 0.64 1.74
N PRO C 131 35.33 -0.20 2.70
CA PRO C 131 35.77 0.44 3.94
C PRO C 131 36.97 1.25 3.57
N PRO C 132 37.27 2.28 4.35
CA PRO C 132 38.45 3.06 3.97
C PRO C 132 39.76 2.44 4.45
N LYS C 133 40.77 2.42 3.58
CA LYS C 133 42.10 1.89 3.91
C LYS C 133 42.46 2.09 5.37
N GLU C 134 42.40 3.33 5.83
CA GLU C 134 42.71 3.64 7.20
C GLU C 134 41.86 2.91 8.24
N GLU C 135 40.76 2.30 7.80
CA GLU C 135 39.87 1.58 8.71
C GLU C 135 40.21 0.10 8.70
N MET C 136 40.96 -0.33 7.68
CA MET C 136 41.36 -1.74 7.54
C MET C 136 42.28 -2.26 8.63
N THR C 137 42.12 -1.78 9.86
CA THR C 137 42.98 -2.24 10.94
C THR C 137 42.13 -2.66 12.14
N GLN C 138 41.04 -1.93 12.34
CA GLN C 138 40.12 -2.17 13.43
C GLN C 138 39.50 -3.56 13.32
N SER C 139 38.81 -3.99 14.36
CA SER C 139 38.17 -5.30 14.36
C SER C 139 37.05 -5.39 13.33
N GLN C 140 36.25 -4.33 13.25
CA GLN C 140 35.13 -4.30 12.33
C GLN C 140 35.27 -3.13 11.39
N VAL C 141 34.76 -3.29 10.18
CA VAL C 141 34.85 -2.24 9.19
C VAL C 141 33.48 -1.69 8.79
N SER C 142 33.50 -0.67 7.93
CA SER C 142 32.27 -0.01 7.49
C SER C 142 32.01 0.00 5.99
N ILE C 143 30.96 -0.68 5.55
CA ILE C 143 30.59 -0.69 4.13
C ILE C 143 29.55 0.43 3.93
N THR C 144 29.90 1.45 3.16
CA THR C 144 29.03 2.60 2.93
C THR C 144 28.23 2.67 1.62
N CYS C 145 27.00 3.17 1.70
CA CYS C 145 26.14 3.33 0.52
C CYS C 145 25.60 4.76 0.44
N MET C 146 25.80 5.40 -0.70
CA MET C 146 25.32 6.75 -0.91
C MET C 146 24.13 6.68 -1.85
N VAL C 147 23.00 7.20 -1.37
CA VAL C 147 21.77 7.19 -2.14
C VAL C 147 21.45 8.65 -2.39
N LYS C 148 21.66 9.15 -3.61
CA LYS C 148 21.40 10.58 -3.84
C LYS C 148 20.54 11.04 -5.01
N GLY C 149 19.96 12.23 -4.84
CA GLY C 149 19.12 12.85 -5.87
C GLY C 149 17.70 12.29 -6.05
N PHE C 150 17.01 12.04 -4.95
CA PHE C 150 15.68 11.52 -5.04
C PHE C 150 14.67 12.48 -4.41
N TYR C 151 13.44 12.37 -4.87
CA TYR C 151 12.36 13.21 -4.40
C TYR C 151 11.08 12.57 -4.88
N PRO C 152 10.07 12.52 -4.01
CA PRO C 152 10.09 13.02 -2.65
C PRO C 152 10.98 12.16 -1.74
N PRO C 153 11.20 12.62 -0.50
CA PRO C 153 12.01 11.92 0.50
C PRO C 153 11.41 10.62 1.01
N ASP C 154 10.56 9.98 0.21
CA ASP C 154 9.94 8.71 0.58
C ASP C 154 10.86 7.65 0.01
N ILE C 155 11.54 6.89 0.87
CA ILE C 155 12.47 5.90 0.37
C ILE C 155 12.73 4.77 1.34
N TYR C 156 13.35 3.68 0.85
CA TYR C 156 13.70 2.53 1.67
C TYR C 156 15.09 2.03 1.29
N THR C 157 15.89 1.67 2.28
CA THR C 157 17.26 1.19 2.04
C THR C 157 17.68 0.12 3.06
N GLU C 158 18.21 -1.00 2.58
CA GLU C 158 18.68 -2.06 3.48
C GLU C 158 19.91 -2.73 2.88
N TRP C 159 20.64 -3.48 3.71
CA TRP C 159 21.81 -4.19 3.22
C TRP C 159 21.54 -5.71 3.20
N LYS C 160 22.26 -6.41 2.35
CA LYS C 160 22.14 -7.86 2.21
C LYS C 160 23.53 -8.45 1.91
N MET C 161 23.93 -9.48 2.64
CA MET C 161 25.20 -10.15 2.39
C MET C 161 24.79 -11.42 1.63
N ASN C 162 25.36 -11.65 0.46
CA ASN C 162 24.98 -12.82 -0.34
C ASN C 162 23.45 -12.94 -0.39
N GLY C 163 22.80 -11.81 -0.61
CA GLY C 163 21.35 -11.75 -0.71
C GLY C 163 20.56 -11.92 0.57
N GLN C 164 21.26 -12.00 1.69
CA GLN C 164 20.60 -12.18 2.96
C GLN C 164 20.41 -10.87 3.71
N PRO C 165 19.17 -10.36 3.76
CA PRO C 165 18.95 -9.10 4.46
C PRO C 165 19.70 -9.16 5.78
N GLN C 166 20.55 -8.15 6.00
CA GLN C 166 21.39 -8.00 7.17
C GLN C 166 20.78 -7.08 8.17
N GLU C 167 21.33 -7.09 9.39
CA GLU C 167 20.82 -6.30 10.50
C GLU C 167 21.75 -5.22 11.03
N ASN C 168 23.06 -5.41 10.92
CA ASN C 168 23.93 -4.40 11.45
C ASN C 168 24.20 -3.21 10.54
N TYR C 169 23.17 -2.39 10.36
CA TYR C 169 23.30 -1.19 9.55
C TYR C 169 22.38 -0.12 10.08
N LYS C 170 22.71 1.14 9.77
CA LYS C 170 21.88 2.25 10.16
C LYS C 170 21.81 3.14 8.93
N ASN C 171 20.65 3.74 8.74
CA ASN C 171 20.41 4.61 7.62
C ASN C 171 20.45 6.02 8.16
N THR C 172 21.03 6.95 7.43
CA THR C 172 21.01 8.36 7.86
C THR C 172 19.61 8.88 7.50
N PRO C 173 19.13 9.91 8.18
CA PRO C 173 17.80 10.35 7.74
C PRO C 173 17.93 10.97 6.34
N PRO C 174 16.82 11.09 5.61
CA PRO C 174 17.05 11.71 4.29
C PRO C 174 17.44 13.16 4.51
N THR C 175 18.40 13.63 3.72
CA THR C 175 18.87 14.99 3.90
C THR C 175 18.75 15.80 2.63
N MET C 176 17.99 16.88 2.73
CA MET C 176 17.78 17.78 1.61
C MET C 176 19.08 18.35 1.13
N ASP C 177 19.41 18.08 -0.12
CA ASP C 177 20.64 18.60 -0.68
C ASP C 177 20.51 20.05 -1.10
N THR C 178 21.55 20.55 -1.75
CA THR C 178 21.57 21.93 -2.21
C THR C 178 20.54 22.19 -3.30
N ASP C 179 20.39 21.24 -4.23
CA ASP C 179 19.45 21.39 -5.33
C ASP C 179 17.99 20.95 -5.09
N GLY C 180 17.60 20.83 -3.83
CA GLY C 180 16.22 20.47 -3.53
C GLY C 180 15.89 19.02 -3.35
N SER C 181 16.67 18.15 -3.98
CA SER C 181 16.43 16.71 -3.86
C SER C 181 17.02 16.22 -2.55
N TYR C 182 16.93 14.93 -2.31
CA TYR C 182 17.48 14.39 -1.08
C TYR C 182 18.50 13.31 -1.30
N PHE C 183 19.31 13.06 -0.30
CA PHE C 183 20.32 12.00 -0.34
C PHE C 183 20.36 11.41 1.08
N LEU C 184 21.10 10.33 1.23
CA LEU C 184 21.29 9.71 2.54
C LEU C 184 22.39 8.69 2.42
N TYR C 185 22.96 8.33 3.55
CA TYR C 185 23.97 7.32 3.58
C TYR C 185 23.47 6.18 4.44
N SER C 186 23.87 4.97 4.09
CA SER C 186 23.51 3.78 4.84
C SER C 186 24.82 3.02 5.13
N LYS C 187 25.08 2.80 6.42
CA LYS C 187 26.31 2.13 6.86
C LYS C 187 26.17 0.73 7.43
N LEU C 188 26.72 -0.23 6.69
CA LEU C 188 26.69 -1.62 7.08
C LEU C 188 27.93 -1.86 7.90
N ASN C 189 27.79 -2.52 9.04
CA ASN C 189 28.96 -2.80 9.85
C ASN C 189 29.24 -4.29 9.89
N VAL C 190 30.50 -4.68 9.79
CA VAL C 190 30.86 -6.10 9.81
C VAL C 190 32.26 -6.38 10.33
N LYS C 191 32.48 -7.64 10.71
CA LYS C 191 33.79 -8.06 11.18
C LYS C 191 34.69 -8.09 9.95
N LYS C 192 35.82 -7.41 10.03
CA LYS C 192 36.77 -7.33 8.92
C LYS C 192 36.87 -8.63 8.14
N GLU C 193 37.02 -9.73 8.85
CA GLU C 193 37.14 -11.07 8.26
C GLU C 193 36.04 -11.37 7.23
N THR C 194 34.78 -11.11 7.62
CA THR C 194 33.64 -11.36 6.74
C THR C 194 33.77 -10.58 5.45
N TRP C 195 34.32 -9.38 5.59
CA TRP C 195 34.51 -8.52 4.45
C TRP C 195 35.53 -9.17 3.54
N GLN C 196 36.65 -9.54 4.14
CA GLN C 196 37.78 -10.13 3.43
C GLN C 196 37.59 -11.51 2.83
N GLN C 197 36.69 -12.31 3.39
CA GLN C 197 36.43 -13.65 2.85
C GLN C 197 35.90 -13.51 1.42
N GLY C 198 35.53 -12.30 1.04
CA GLY C 198 35.02 -12.09 -0.30
C GLY C 198 33.52 -12.27 -0.44
N ASN C 199 32.77 -12.01 0.65
CA ASN C 199 31.32 -12.14 0.57
C ASN C 199 30.78 -10.95 -0.20
N THR C 200 29.59 -11.09 -0.74
CA THR C 200 29.00 -10.00 -1.48
C THR C 200 28.03 -9.19 -0.63
N PHE C 201 28.18 -7.87 -0.68
CA PHE C 201 27.32 -6.97 0.07
C PHE C 201 26.49 -6.16 -0.94
N THR C 202 25.18 -6.10 -0.73
CA THR C 202 24.29 -5.42 -1.67
C THR C 202 23.47 -4.35 -1.01
N CYS C 203 23.44 -3.16 -1.64
CA CYS C 203 22.68 -2.03 -1.15
C CYS C 203 21.38 -2.08 -1.96
N SER C 204 20.25 -2.33 -1.28
CA SER C 204 18.94 -2.45 -1.92
C SER C 204 18.12 -1.22 -1.64
N VAL C 205 17.54 -0.65 -2.70
CA VAL C 205 16.78 0.59 -2.57
C VAL C 205 15.44 0.55 -3.28
N LEU C 206 14.43 1.03 -2.58
CA LEU C 206 13.09 1.08 -3.09
C LEU C 206 12.69 2.53 -3.14
N HIS C 207 12.48 3.05 -4.33
CA HIS C 207 12.02 4.42 -4.46
C HIS C 207 11.07 4.49 -5.64
N GLU C 208 9.97 5.22 -5.52
CA GLU C 208 8.99 5.27 -6.61
C GLU C 208 9.51 5.87 -7.88
N GLY C 209 10.70 6.42 -7.84
CA GLY C 209 11.26 7.03 -9.03
C GLY C 209 12.12 6.09 -9.85
N LEU C 210 12.32 4.89 -9.34
CA LEU C 210 13.13 3.89 -10.02
C LEU C 210 12.27 2.95 -10.86
N HIS C 211 12.85 2.41 -11.92
CA HIS C 211 12.16 1.45 -12.79
C HIS C 211 11.77 0.26 -11.93
N ASN C 212 10.47 0.02 -11.82
CA ASN C 212 9.99 -1.07 -11.01
C ASN C 212 10.22 -0.83 -9.52
N HIS C 213 10.30 0.45 -9.15
CA HIS C 213 10.50 0.94 -7.78
C HIS C 213 11.76 0.47 -7.04
N HIS C 214 12.72 -0.13 -7.72
CA HIS C 214 13.86 -0.70 -7.04
C HIS C 214 15.14 -0.70 -7.84
N THR C 215 16.23 -0.91 -7.11
CA THR C 215 17.57 -1.00 -7.71
C THR C 215 18.53 -1.51 -6.64
N GLU C 216 19.67 -2.07 -7.05
CA GLU C 216 20.64 -2.63 -6.11
C GLU C 216 22.08 -2.54 -6.64
N LYS C 217 23.05 -2.33 -5.76
CA LYS C 217 24.47 -2.28 -6.16
C LYS C 217 25.31 -3.10 -5.19
N SER C 218 26.13 -3.99 -5.73
CA SER C 218 26.99 -4.84 -4.94
C SER C 218 28.45 -4.41 -4.88
N LEU C 219 29.20 -5.00 -3.95
CA LEU C 219 30.60 -4.67 -3.69
C LEU C 219 31.28 -5.92 -3.13
N SER C 220 32.59 -6.10 -3.38
CA SER C 220 33.32 -7.28 -2.91
C SER C 220 34.80 -7.08 -2.52
N HIS C 221 35.68 -7.82 -3.20
CA HIS C 221 37.14 -7.81 -2.99
C HIS C 221 37.58 -8.06 -1.54
N SER D 17 3.42 25.07 20.51
CA SER D 17 4.53 24.11 20.74
C SER D 17 5.90 24.78 20.58
N VAL D 18 6.59 24.98 21.70
CA VAL D 18 7.91 25.61 21.72
C VAL D 18 8.93 24.80 22.53
N PHE D 19 9.93 24.29 21.84
CA PHE D 19 10.98 23.49 22.47
C PHE D 19 12.27 24.30 22.61
N ILE D 20 13.09 23.94 23.60
CA ILE D 20 14.36 24.63 23.84
C ILE D 20 15.42 24.20 22.81
N PHE D 21 16.47 25.01 22.67
CA PHE D 21 17.54 24.73 21.72
C PHE D 21 18.92 24.79 22.40
N PRO D 22 19.94 24.15 21.78
CA PRO D 22 21.29 24.15 22.34
C PRO D 22 22.22 25.06 21.52
N PRO D 23 23.44 25.30 22.04
CA PRO D 23 24.46 26.14 21.42
C PRO D 23 25.15 25.51 20.20
N LYS D 24 25.58 26.35 19.27
CA LYS D 24 26.28 25.85 18.10
C LYS D 24 27.63 25.35 18.61
N THR D 25 27.88 24.06 18.46
CA THR D 25 29.14 23.48 18.93
C THR D 25 30.34 24.25 18.38
N LYS D 26 30.13 25.02 17.31
CA LYS D 26 31.19 25.81 16.72
C LYS D 26 31.61 26.86 17.74
N ASP D 27 30.61 27.54 18.28
CA ASP D 27 30.84 28.58 19.27
C ASP D 27 31.31 27.99 20.60
N VAL D 28 30.56 27.04 21.14
CA VAL D 28 30.93 26.42 22.42
C VAL D 28 32.33 25.81 22.42
N LEU D 29 32.94 25.66 21.24
CA LEU D 29 34.28 25.09 21.16
C LEU D 29 35.24 26.08 20.50
N GLY D 30 35.64 27.09 21.27
CA GLY D 30 36.54 28.09 20.76
C GLY D 30 35.83 29.03 19.80
N GLY D 31 35.79 28.62 18.53
CA GLY D 31 35.14 29.41 17.51
C GLY D 31 35.35 30.90 17.70
N GLY D 32 34.38 31.69 17.29
CA GLY D 32 34.49 33.13 17.42
C GLY D 32 33.28 33.64 18.18
N LEU D 33 32.10 33.27 17.70
CA LEU D 33 30.86 33.70 18.31
C LEU D 33 30.70 33.11 19.71
N THR D 34 29.69 33.60 20.44
CA THR D 34 29.42 33.16 21.80
C THR D 34 28.21 32.22 21.88
N PRO D 35 28.42 31.01 22.43
CA PRO D 35 27.38 29.99 22.58
C PRO D 35 26.10 30.52 23.24
N LYS D 36 25.01 30.50 22.49
CA LYS D 36 23.73 31.00 23.00
C LYS D 36 22.61 29.95 23.14
N VAL D 37 22.25 29.65 24.39
CA VAL D 37 21.17 28.71 24.69
C VAL D 37 19.89 29.41 24.21
N THR D 38 19.55 29.19 22.94
CA THR D 38 18.38 29.80 22.33
C THR D 38 17.08 29.26 22.93
N CYS D 39 15.96 29.68 22.35
CA CYS D 39 14.64 29.26 22.80
C CYS D 39 13.61 29.92 21.88
N VAL D 40 13.49 29.39 20.67
CA VAL D 40 12.58 29.90 19.65
C VAL D 40 11.09 29.69 19.96
N VAL D 41 10.29 30.75 19.80
CA VAL D 41 8.85 30.71 20.07
C VAL D 41 7.99 30.86 18.82
N VAL D 42 7.09 29.90 18.60
CA VAL D 42 6.19 29.91 17.46
C VAL D 42 4.77 29.50 17.87
N ASP D 43 3.85 29.59 16.92
CA ASP D 43 2.44 29.24 17.16
C ASP D 43 1.65 30.39 17.77
N ILE D 44 1.58 31.52 17.07
CA ILE D 44 0.85 32.69 17.55
C ILE D 44 0.27 33.49 16.39
N SER D 45 -1.00 33.88 16.50
CA SER D 45 -1.66 34.66 15.46
C SER D 45 -0.95 36.00 15.24
N GLN D 46 -1.39 36.75 14.24
CA GLN D 46 -0.79 38.04 13.94
C GLN D 46 -1.45 39.17 14.71
N ASN D 47 -1.93 38.85 15.92
CA ASN D 47 -2.58 39.83 16.76
C ASN D 47 -2.50 39.50 18.25
N ASP D 48 -2.06 38.27 18.56
CA ASP D 48 -1.95 37.84 19.95
C ASP D 48 -0.52 37.52 20.37
N PRO D 49 0.41 38.49 20.25
CA PRO D 49 1.80 38.25 20.64
C PRO D 49 2.06 38.50 22.13
N GLU D 50 2.58 37.49 22.83
CA GLU D 50 2.87 37.62 24.26
C GLU D 50 3.61 36.39 24.81
N VAL D 51 4.93 36.47 24.83
CA VAL D 51 5.78 35.39 25.34
C VAL D 51 6.99 35.97 26.06
N ARG D 52 6.84 36.29 27.34
CA ARG D 52 7.92 36.88 28.13
C ARG D 52 9.10 35.91 28.23
N PHE D 53 10.15 36.31 28.96
CA PHE D 53 11.33 35.48 29.09
C PHE D 53 12.04 35.69 30.43
N SER D 54 12.23 34.59 31.15
CA SER D 54 12.89 34.60 32.45
C SER D 54 13.80 33.37 32.53
N TRP D 55 15.06 33.52 32.12
CA TRP D 55 16.02 32.42 32.11
C TRP D 55 16.65 32.16 33.48
N PHE D 56 16.49 30.94 33.99
CA PHE D 56 17.06 30.55 35.29
C PHE D 56 18.12 29.45 35.13
N ILE D 57 19.38 29.83 35.08
CA ILE D 57 20.47 28.86 34.96
C ILE D 57 20.74 28.27 36.34
N ASP D 58 20.09 27.14 36.61
CA ASP D 58 20.20 26.47 37.90
C ASP D 58 19.38 27.22 38.94
N ASP D 59 18.09 27.38 38.62
CA ASP D 59 17.11 28.04 39.46
C ASP D 59 17.46 29.49 39.84
N VAL D 60 18.24 30.13 38.98
CA VAL D 60 18.65 31.52 39.20
C VAL D 60 18.48 32.27 37.88
N GLU D 61 17.57 33.23 37.85
CA GLU D 61 17.32 33.98 36.62
C GLU D 61 18.47 34.90 36.24
N VAL D 62 18.85 34.85 34.97
CA VAL D 62 19.91 35.68 34.44
C VAL D 62 19.34 36.51 33.30
N HIS D 63 19.44 37.83 33.46
CA HIS D 63 18.92 38.78 32.49
C HIS D 63 20.00 39.04 31.44
N THR D 64 20.94 38.11 31.34
CA THR D 64 22.03 38.22 30.39
C THR D 64 21.55 38.14 28.94
N ALA D 65 20.34 37.63 28.76
CA ALA D 65 19.74 37.45 27.44
C ALA D 65 19.33 38.70 26.68
N GLN D 66 18.85 38.48 25.45
CA GLN D 66 18.35 39.54 24.58
C GLN D 66 17.29 38.98 23.64
N THR D 67 16.03 39.32 23.91
CA THR D 67 14.92 38.86 23.10
C THR D 67 14.68 39.81 21.94
N HIS D 68 15.04 39.38 20.74
CA HIS D 68 14.85 40.20 19.56
C HIS D 68 13.37 40.46 19.39
N ALA D 69 12.93 41.65 19.81
CA ALA D 69 11.54 42.10 19.76
C ALA D 69 10.59 41.18 19.00
N PRO D 70 9.41 40.91 19.58
CA PRO D 70 8.40 40.04 18.98
C PRO D 70 8.16 40.23 17.48
N GLU D 71 9.09 39.72 16.67
CA GLU D 71 9.00 39.82 15.21
C GLU D 71 7.87 38.87 14.76
N LYS D 72 7.56 38.87 13.47
CA LYS D 72 6.49 38.00 12.94
C LYS D 72 6.79 37.39 11.58
N GLN D 73 6.10 36.28 11.27
CA GLN D 73 6.27 35.57 10.00
C GLN D 73 5.00 35.50 9.14
N SER D 74 5.18 35.06 7.90
CA SER D 74 4.09 34.95 6.92
C SER D 74 2.89 34.13 7.38
N ASN D 75 3.13 32.86 7.70
CA ASN D 75 2.07 31.97 8.13
C ASN D 75 1.37 32.41 9.41
N SER D 76 1.35 33.73 9.64
CA SER D 76 0.71 34.33 10.81
C SER D 76 1.24 33.81 12.14
N THR D 77 2.54 34.00 12.37
CA THR D 77 3.17 33.57 13.62
C THR D 77 4.20 34.60 14.07
N LEU D 78 5.02 34.21 15.03
CA LEU D 78 6.05 35.08 15.57
C LEU D 78 7.44 34.44 15.42
N ARG D 79 8.26 35.00 14.52
CA ARG D 79 9.60 34.46 14.32
C ARG D 79 10.42 34.90 15.53
N SER D 80 10.02 34.44 16.70
CA SER D 80 10.66 34.76 17.97
C SER D 80 12.14 34.40 17.97
N VAL D 81 12.95 35.28 18.55
CA VAL D 81 14.39 35.05 18.63
C VAL D 81 14.97 35.59 19.94
N SER D 82 14.95 34.76 20.98
CA SER D 82 15.49 35.13 22.29
C SER D 82 16.81 34.38 22.49
N GLU D 83 17.92 35.12 22.53
CA GLU D 83 19.23 34.50 22.69
C GLU D 83 19.94 34.85 24.01
N LEU D 84 20.21 33.82 24.81
CA LEU D 84 20.88 33.93 26.12
C LEU D 84 22.36 33.53 26.02
N PRO D 85 23.27 34.41 26.49
CA PRO D 85 24.70 34.11 26.44
C PRO D 85 25.10 33.22 27.60
N ILE D 86 26.06 32.33 27.37
CA ILE D 86 26.54 31.42 28.39
C ILE D 86 28.04 31.17 28.29
N VAL D 87 28.56 30.34 29.19
CA VAL D 87 29.99 30.03 29.24
C VAL D 87 30.31 28.57 28.94
N GLU D 88 31.27 28.35 28.05
CA GLU D 88 31.68 27.00 27.66
C GLU D 88 31.90 26.15 28.91
N ARG D 89 32.09 26.82 30.03
CA ARG D 89 32.31 26.14 31.30
C ARG D 89 30.97 25.51 31.68
N ASP D 90 29.98 26.38 31.89
CA ASP D 90 28.65 25.96 32.29
C ASP D 90 28.13 24.79 31.47
N TRP D 91 28.02 24.99 30.16
CA TRP D 91 27.50 23.94 29.30
C TRP D 91 28.12 22.57 29.52
N LEU D 92 29.45 22.51 29.63
CA LEU D 92 30.15 21.24 29.81
C LEU D 92 30.29 20.74 31.25
N ASN D 93 29.27 20.99 32.07
CA ASN D 93 29.27 20.54 33.46
C ASN D 93 27.90 20.03 33.85
N GLY D 94 27.15 19.52 32.87
CA GLY D 94 25.83 19.01 33.16
C GLY D 94 24.96 20.06 33.83
N LYS D 95 25.20 21.32 33.48
CA LYS D 95 24.45 22.44 34.03
C LYS D 95 23.32 22.82 33.06
N THR D 96 22.11 22.95 33.58
CA THR D 96 20.94 23.26 32.74
C THR D 96 20.61 24.74 32.56
N PHE D 97 19.74 25.03 31.59
CA PHE D 97 19.31 26.39 31.28
C PHE D 97 17.79 26.41 31.05
N LYS D 98 17.04 26.86 32.06
CA LYS D 98 15.58 26.91 31.98
C LYS D 98 15.05 28.17 31.29
N CYS D 99 14.28 27.96 30.23
CA CYS D 99 13.71 29.07 29.46
C CYS D 99 12.28 29.37 29.94
N LYS D 100 12.14 29.67 31.24
CA LYS D 100 10.82 29.97 31.82
C LYS D 100 10.19 31.25 31.29
N VAL D 101 9.22 31.09 30.39
CA VAL D 101 8.51 32.23 29.79
C VAL D 101 7.20 32.50 30.56
N ASN D 102 6.94 33.78 30.86
CA ASN D 102 5.74 34.16 31.62
C ASN D 102 4.71 34.93 30.80
N SER D 103 3.66 34.24 30.34
CA SER D 103 2.61 34.87 29.54
C SER D 103 1.21 34.53 30.05
N GLY D 104 0.44 35.56 30.36
CA GLY D 104 -0.92 35.36 30.85
C GLY D 104 -1.96 35.73 29.81
N ALA D 105 -1.51 35.94 28.58
CA ALA D 105 -2.41 36.29 27.48
C ALA D 105 -2.13 35.42 26.25
N PHE D 106 -1.91 34.13 26.51
CA PHE D 106 -1.65 33.15 25.47
C PHE D 106 -2.12 31.78 25.98
N PRO D 107 -3.11 31.18 25.29
CA PRO D 107 -3.68 29.87 25.63
C PRO D 107 -2.69 28.90 26.27
N ALA D 108 -2.03 28.11 25.42
CA ALA D 108 -1.05 27.13 25.91
C ALA D 108 0.36 27.70 25.77
N PRO D 109 0.86 28.38 26.83
CA PRO D 109 2.19 28.99 26.85
C PRO D 109 3.32 28.02 26.51
N ILE D 110 4.49 28.22 27.12
CA ILE D 110 5.64 27.36 26.85
C ILE D 110 6.68 27.33 27.99
N GLU D 111 7.68 26.47 27.85
CA GLU D 111 8.76 26.32 28.84
C GLU D 111 9.52 25.00 28.64
N LYS D 112 10.83 25.08 28.40
CA LYS D 112 11.67 23.90 28.19
C LYS D 112 13.15 24.11 28.59
N SER D 113 13.68 23.20 29.41
CA SER D 113 15.07 23.27 29.88
C SER D 113 16.01 22.42 29.00
N ILE D 114 17.32 22.53 29.25
CA ILE D 114 18.31 21.75 28.49
C ILE D 114 19.75 21.86 29.04
N SER D 115 20.45 20.73 29.07
CA SER D 115 21.84 20.66 29.54
C SER D 115 22.66 19.82 28.57
N LYS D 116 23.98 19.71 28.81
CA LYS D 116 24.86 18.93 27.96
C LYS D 116 24.53 17.46 28.17
N PRO D 117 24.43 16.69 27.09
CA PRO D 117 24.12 15.27 27.22
C PRO D 117 25.16 14.51 28.04
N GLU D 118 24.96 14.51 29.36
CA GLU D 118 25.84 13.86 30.31
C GLU D 118 26.43 12.54 29.84
N GLY D 119 27.73 12.55 29.60
CA GLY D 119 28.39 11.35 29.15
C GLY D 119 29.86 11.58 28.90
N THR D 120 30.63 10.51 29.01
CA THR D 120 32.07 10.52 28.77
C THR D 120 32.33 10.84 27.31
N PRO D 121 33.03 11.94 27.04
CA PRO D 121 33.29 12.27 25.64
C PRO D 121 33.89 11.06 24.93
N ARG D 122 33.67 10.99 23.63
CA ARG D 122 34.17 9.89 22.80
C ARG D 122 34.48 10.52 21.44
N GLY D 123 35.74 10.46 21.05
CA GLY D 123 36.15 11.08 19.80
C GLY D 123 35.80 10.35 18.52
N PRO D 124 35.50 11.11 17.47
CA PRO D 124 35.17 10.41 16.22
C PRO D 124 36.40 9.96 15.45
N GLN D 125 36.21 8.97 14.59
CA GLN D 125 37.28 8.50 13.74
C GLN D 125 36.79 9.05 12.42
N VAL D 126 37.58 9.93 11.80
CA VAL D 126 37.20 10.54 10.55
C VAL D 126 37.94 9.95 9.39
N TYR D 127 37.22 9.70 8.30
CA TYR D 127 37.84 9.17 7.09
C TYR D 127 37.24 9.88 5.89
N THR D 128 37.99 9.93 4.80
CA THR D 128 37.52 10.56 3.57
C THR D 128 37.44 9.55 2.44
N MET D 129 36.43 9.70 1.60
CA MET D 129 36.29 8.79 0.50
C MET D 129 36.18 9.56 -0.81
N ALA D 130 36.84 9.04 -1.85
CA ALA D 130 36.81 9.68 -3.14
C ALA D 130 35.54 9.32 -3.92
N PRO D 131 35.04 10.27 -4.73
CA PRO D 131 33.83 10.01 -5.51
C PRO D 131 33.94 8.64 -6.17
N PRO D 132 32.91 7.80 -6.02
CA PRO D 132 32.89 6.45 -6.60
C PRO D 132 33.24 6.39 -8.08
N LYS D 133 33.95 5.34 -8.44
CA LYS D 133 34.37 5.14 -9.82
C LYS D 133 33.23 5.43 -10.78
N GLU D 134 32.04 4.99 -10.42
CA GLU D 134 30.86 5.17 -11.26
C GLU D 134 30.25 6.56 -11.21
N GLU D 135 30.57 7.35 -10.20
CA GLU D 135 30.02 8.69 -10.18
C GLU D 135 30.90 9.51 -11.12
N MET D 136 32.09 8.99 -11.40
CA MET D 136 33.03 9.68 -12.28
C MET D 136 32.50 9.53 -13.67
N THR D 137 31.50 10.33 -13.97
CA THR D 137 30.84 10.32 -15.27
C THR D 137 30.05 11.61 -15.27
N GLN D 138 29.24 11.75 -14.22
CA GLN D 138 28.38 12.89 -13.98
C GLN D 138 29.08 14.26 -14.07
N SER D 139 28.27 15.30 -14.25
CA SER D 139 28.78 16.66 -14.34
C SER D 139 29.58 16.93 -13.08
N GLN D 140 28.89 16.95 -11.95
CA GLN D 140 29.53 17.18 -10.68
C GLN D 140 29.70 15.83 -10.00
N VAL D 141 30.54 15.79 -8.97
CA VAL D 141 30.73 14.54 -8.26
C VAL D 141 30.73 14.76 -6.75
N SER D 142 30.62 13.66 -6.01
CA SER D 142 30.55 13.74 -4.57
C SER D 142 31.79 13.35 -3.77
N ILE D 143 32.20 14.22 -2.87
CA ILE D 143 33.34 13.97 -2.01
C ILE D 143 32.79 13.77 -0.62
N THR D 144 32.89 12.52 -0.16
CA THR D 144 32.37 12.04 1.11
C THR D 144 33.32 11.93 2.29
N CYS D 145 32.84 12.40 3.43
CA CYS D 145 33.58 12.31 4.68
C CYS D 145 32.78 11.51 5.72
N MET D 146 33.25 10.33 6.07
CA MET D 146 32.59 9.50 7.08
C MET D 146 33.20 9.89 8.45
N VAL D 147 32.32 10.27 9.36
CA VAL D 147 32.68 10.69 10.71
C VAL D 147 32.11 9.65 11.68
N LYS D 148 32.91 8.62 11.98
CA LYS D 148 32.47 7.50 12.82
C LYS D 148 32.58 7.54 14.34
N GLY D 149 31.60 6.90 14.97
CA GLY D 149 31.53 6.78 16.43
C GLY D 149 31.96 7.91 17.34
N PHE D 150 31.05 8.83 17.64
CA PHE D 150 31.38 9.95 18.51
C PHE D 150 30.23 10.20 19.46
N TYR D 151 30.53 10.84 20.56
CA TYR D 151 29.53 11.13 21.55
C TYR D 151 30.12 12.23 22.44
N PRO D 152 29.30 13.19 22.88
CA PRO D 152 27.87 13.33 22.60
C PRO D 152 27.63 13.80 21.17
N PRO D 153 26.39 13.71 20.67
CA PRO D 153 26.03 14.13 19.30
C PRO D 153 26.38 15.57 18.92
N ASP D 154 26.79 16.37 19.89
CA ASP D 154 27.15 17.75 19.62
C ASP D 154 28.46 17.79 18.87
N ILE D 155 28.39 17.84 17.54
CA ILE D 155 29.60 17.89 16.74
C ILE D 155 29.45 18.99 15.69
N TYR D 156 30.47 19.18 14.86
CA TYR D 156 30.45 20.21 13.82
C TYR D 156 31.39 19.76 12.72
N THR D 157 30.93 19.88 11.49
CA THR D 157 31.75 19.49 10.35
C THR D 157 31.57 20.52 9.29
N GLU D 158 32.53 20.57 8.38
CA GLU D 158 32.55 21.51 7.26
C GLU D 158 33.70 21.14 6.34
N TRP D 159 33.71 21.66 5.13
CA TRP D 159 34.80 21.34 4.24
C TRP D 159 35.68 22.55 4.00
N LYS D 160 36.79 22.32 3.32
CA LYS D 160 37.70 23.39 2.96
C LYS D 160 38.43 22.95 1.69
N MET D 161 38.79 23.94 0.88
CA MET D 161 39.51 23.72 -0.37
C MET D 161 40.88 24.36 -0.25
N ASN D 162 41.91 23.51 -0.07
CA ASN D 162 43.30 23.95 0.08
C ASN D 162 43.44 24.74 1.36
N GLY D 163 42.33 25.36 1.74
CA GLY D 163 42.25 26.17 2.93
C GLY D 163 40.96 26.97 2.81
N GLN D 164 40.39 26.98 1.61
CA GLN D 164 39.17 27.72 1.39
C GLN D 164 37.92 27.03 1.91
N PRO D 165 37.27 27.63 2.92
CA PRO D 165 36.05 26.97 3.41
C PRO D 165 35.08 26.95 2.21
N GLN D 166 34.04 26.15 2.29
CA GLN D 166 33.10 26.03 1.17
C GLN D 166 31.63 26.23 1.55
N GLU D 167 30.76 26.22 0.54
CA GLU D 167 29.33 26.37 0.81
C GLU D 167 28.60 25.12 0.29
N ASN D 168 29.07 24.62 -0.84
CA ASN D 168 28.46 23.46 -1.49
C ASN D 168 28.62 22.08 -0.82
N TYR D 169 28.24 22.00 0.47
CA TYR D 169 28.34 20.75 1.19
C TYR D 169 27.13 20.65 2.11
N LYS D 170 26.76 19.43 2.48
CA LYS D 170 25.64 19.21 3.40
C LYS D 170 25.94 18.04 4.36
N ASN D 171 25.50 18.17 5.60
CA ASN D 171 25.75 17.12 6.58
C ASN D 171 24.50 16.36 6.96
N THR D 172 24.59 15.06 6.92
CA THR D 172 23.45 14.27 7.36
C THR D 172 23.34 14.58 8.86
N PRO D 173 22.18 14.32 9.47
CA PRO D 173 22.09 14.59 10.89
C PRO D 173 22.92 13.56 11.67
N PRO D 174 23.23 13.87 12.92
CA PRO D 174 24.01 12.89 13.70
C PRO D 174 23.12 11.67 13.89
N THR D 175 23.53 10.51 13.42
CA THR D 175 22.71 9.31 13.56
C THR D 175 23.21 8.31 14.60
N MET D 176 22.33 7.92 15.52
CA MET D 176 22.69 6.96 16.54
C MET D 176 23.01 5.63 15.90
N ASP D 177 24.08 5.00 16.38
CA ASP D 177 24.55 3.72 15.88
C ASP D 177 24.13 2.59 16.81
N THR D 178 24.38 1.35 16.39
CA THR D 178 24.01 0.19 17.19
C THR D 178 24.72 0.11 18.53
N ASP D 179 25.85 0.80 18.67
CA ASP D 179 26.57 0.77 19.94
C ASP D 179 26.50 2.06 20.75
N GLY D 180 25.44 2.84 20.55
CA GLY D 180 25.30 4.07 21.29
C GLY D 180 26.02 5.26 20.68
N SER D 181 27.19 5.02 20.08
CA SER D 181 27.96 6.11 19.49
C SER D 181 27.13 6.70 18.36
N TYR D 182 27.65 7.75 17.73
CA TYR D 182 26.97 8.40 16.61
C TYR D 182 27.85 8.53 15.38
N PHE D 183 27.18 8.70 14.25
CA PHE D 183 27.88 8.91 13.00
C PHE D 183 27.04 9.80 12.12
N LEU D 184 27.70 10.35 11.12
CA LEU D 184 27.04 11.20 10.14
C LEU D 184 28.01 11.22 8.99
N TYR D 185 27.53 11.68 7.85
CA TYR D 185 28.41 11.77 6.72
C TYR D 185 28.27 13.19 6.20
N SER D 186 29.31 13.63 5.52
CA SER D 186 29.32 14.96 4.95
C SER D 186 29.64 14.81 3.48
N LYS D 187 28.72 15.28 2.65
CA LYS D 187 28.90 15.19 1.22
C LYS D 187 29.15 16.59 0.69
N LEU D 188 30.28 16.70 -0.02
CA LEU D 188 30.71 17.94 -0.64
C LEU D 188 30.47 17.73 -2.11
N ASN D 189 29.87 18.71 -2.76
CA ASN D 189 29.60 18.56 -4.18
C ASN D 189 30.45 19.48 -5.02
N VAL D 190 31.13 18.91 -6.01
CA VAL D 190 32.00 19.70 -6.91
C VAL D 190 31.96 19.28 -8.36
N LYS D 191 32.23 20.25 -9.22
CA LYS D 191 32.27 20.02 -10.64
C LYS D 191 33.32 18.96 -10.89
N LYS D 192 32.96 17.90 -11.59
CA LYS D 192 33.86 16.81 -11.91
C LYS D 192 35.29 17.33 -12.00
N GLU D 193 35.47 18.37 -12.81
CA GLU D 193 36.77 19.00 -13.06
C GLU D 193 37.57 19.29 -11.79
N THR D 194 36.97 20.02 -10.86
CA THR D 194 37.65 20.36 -9.61
C THR D 194 38.32 19.11 -9.02
N TRP D 195 37.85 17.94 -9.43
CA TRP D 195 38.43 16.71 -8.95
C TRP D 195 39.69 16.31 -9.70
N GLN D 196 39.54 15.88 -10.96
CA GLN D 196 40.69 15.47 -11.76
C GLN D 196 41.95 16.24 -11.39
N GLN D 197 41.89 17.55 -11.61
CA GLN D 197 43.00 18.43 -11.30
C GLN D 197 43.13 18.55 -9.80
N GLY D 198 43.84 17.58 -9.23
CA GLY D 198 44.09 17.52 -7.80
C GLY D 198 43.88 18.82 -7.06
N ASN D 199 43.29 18.72 -5.88
CA ASN D 199 43.02 19.89 -5.05
C ASN D 199 42.95 19.43 -3.62
N THR D 200 43.05 20.38 -2.70
CA THR D 200 42.97 19.99 -1.31
C THR D 200 41.53 20.11 -0.88
N PHE D 201 40.99 18.97 -0.49
CA PHE D 201 39.64 18.87 0.02
C PHE D 201 39.91 18.34 1.42
N THR D 202 39.40 19.05 2.42
CA THR D 202 39.66 18.64 3.78
C THR D 202 38.42 18.64 4.65
N CYS D 203 38.23 17.56 5.38
CA CYS D 203 37.09 17.39 6.25
C CYS D 203 37.51 17.95 7.58
N SER D 204 36.85 19.02 8.01
CA SER D 204 37.16 19.66 9.29
C SER D 204 36.05 19.35 10.30
N VAL D 205 36.45 18.69 11.39
CA VAL D 205 35.52 18.30 12.44
C VAL D 205 35.77 18.95 13.81
N LEU D 206 34.71 19.30 14.51
CA LEU D 206 34.84 19.90 15.83
C LEU D 206 34.12 19.13 16.92
N HIS D 207 34.88 18.36 17.70
CA HIS D 207 34.26 17.60 18.78
C HIS D 207 35.05 17.59 20.10
N GLU D 208 34.34 17.60 21.22
CA GLU D 208 35.00 17.55 22.50
C GLU D 208 35.39 16.11 22.77
N GLY D 209 36.35 15.60 22.03
CA GLY D 209 36.78 14.23 22.20
C GLY D 209 37.96 13.98 21.29
N LEU D 210 38.37 15.00 20.57
CA LEU D 210 39.51 14.86 19.69
C LEU D 210 40.66 15.55 20.43
N GLU D 211 41.87 15.49 19.88
CA GLU D 211 43.02 16.16 20.49
C GLU D 211 42.96 17.62 20.03
N ASN D 212 42.66 18.52 20.97
CA ASN D 212 42.54 19.96 20.70
C ASN D 212 41.13 20.28 20.16
N GLU D 213 40.19 19.37 20.42
CA GLU D 213 38.79 19.49 19.98
C GLU D 213 38.60 19.63 18.46
N HIS D 214 39.61 19.20 17.69
CA HIS D 214 39.58 19.28 16.24
C HIS D 214 40.58 18.33 15.56
N THR D 215 40.31 18.01 14.30
CA THR D 215 41.16 17.14 13.50
C THR D 215 40.67 17.29 12.07
N GLU D 216 41.44 16.87 11.08
CA GLU D 216 40.98 17.03 9.70
C GLU D 216 41.75 16.23 8.63
N LYS D 217 41.08 15.28 7.98
CA LYS D 217 41.72 14.47 6.94
C LYS D 217 41.63 15.17 5.58
N SER D 218 42.45 14.73 4.63
CA SER D 218 42.47 15.35 3.29
C SER D 218 42.72 14.38 2.13
N LEU D 219 42.22 14.71 0.95
CA LEU D 219 42.47 13.84 -0.17
C LEU D 219 42.51 14.63 -1.47
N SER D 220 43.20 14.09 -2.47
CA SER D 220 43.31 14.73 -3.78
C SER D 220 43.43 13.65 -4.84
N HIS D 221 43.70 14.02 -6.07
CA HIS D 221 43.83 13.01 -7.10
C HIS D 221 45.22 12.97 -7.74
C1 NAG E . -14.01 -12.98 -42.48
C2 NAG E . -14.71 -12.28 -43.66
C3 NAG E . -15.93 -11.52 -43.14
C4 NAG E . -16.86 -12.45 -42.35
C5 NAG E . -16.07 -13.21 -41.27
C6 NAG E . -16.92 -14.28 -40.62
C7 NAG E . -13.76 -11.33 -45.67
C8 NAG E . -14.68 -10.36 -46.38
N2 NAG E . -13.80 -11.37 -44.34
O3 NAG E . -16.65 -10.97 -44.24
O4 NAG E . -17.88 -11.70 -41.72
O5 NAG E . -14.94 -13.89 -41.86
O6 NAG E . -17.37 -15.23 -41.60
O7 NAG E . -13.01 -12.05 -46.34
C1 FUC E . -16.79 -16.49 -41.40
C2 FUC E . -15.97 -16.92 -42.63
C3 FUC E . -16.91 -17.24 -43.79
C4 FUC E . -17.95 -18.29 -43.37
C5 FUC E . -18.69 -17.86 -42.11
C6 FUC E . -19.67 -16.71 -42.30
O2 FUC E . -15.17 -18.04 -42.31
O3 FUC E . -17.57 -16.06 -44.23
O4 FUC E . -18.88 -18.50 -44.43
O5 FUC E . -17.76 -17.50 -41.05
C1 NAG F . 10.93 -5.79 -22.54
C2 NAG F . 11.11 -4.45 -23.28
C3 NAG F . 12.54 -3.94 -23.17
C4 NAG F . 13.09 -4.18 -21.77
C5 NAG F . 13.15 -5.70 -21.52
C6 NAG F . 13.03 -6.17 -20.07
C7 NAG F . 10.20 -3.55 -25.33
C8 NAG F . 9.45 -3.87 -26.61
N2 NAG F . 10.76 -4.57 -24.69
O3 NAG F . 12.61 -2.55 -23.47
O4 NAG F . 14.41 -3.62 -21.70
O5 NAG F . 12.20 -6.44 -22.34
O6 NAG F . 11.68 -6.04 -19.58
O7 NAG F . 10.26 -2.38 -24.92
C1 NAG F . 14.92 -3.26 -20.46
C2 NAG F . 16.17 -4.09 -20.16
C3 NAG F . 16.79 -3.66 -18.83
C4 NAG F . 16.98 -2.14 -18.78
C5 NAG F . 15.71 -1.39 -19.22
C6 NAG F . 15.94 0.10 -19.37
C7 NAG F . 16.76 -6.43 -19.91
C8 NAG F . 16.81 -7.06 -18.53
N2 NAG F . 15.83 -5.51 -20.12
O3 NAG F . 18.03 -4.30 -18.65
O4 NAG F . 17.30 -1.75 -17.43
O5 NAG F . 15.26 -1.88 -20.50
O6 NAG F . 17.23 0.36 -19.89
O7 NAG F . 17.55 -6.79 -20.79
C1 BMA F . 18.62 -1.92 -17.02
C2 BMA F . 19.04 -0.69 -16.23
C3 BMA F . 20.42 -0.87 -15.60
C4 BMA F . 20.60 -2.25 -14.92
C5 BMA F . 20.03 -3.40 -15.77
C6 BMA F . 19.98 -4.71 -14.97
O2 BMA F . 18.06 -0.40 -15.22
O3 BMA F . 20.63 0.19 -14.62
O4 BMA F . 21.97 -2.49 -14.69
O5 BMA F . 18.69 -3.09 -16.20
O6 BMA F . 19.17 -5.69 -15.60
C1 MAN F . 21.30 1.33 -15.08
C2 MAN F . 21.30 2.43 -14.00
C3 MAN F . 19.85 2.92 -13.82
C4 MAN F . 19.28 3.41 -15.16
C5 MAN F . 19.40 2.33 -16.23
C6 MAN F . 19.04 2.86 -17.61
O2 MAN F . 22.13 3.52 -14.45
O3 MAN F . 19.81 3.98 -12.87
O4 MAN F . 17.90 3.76 -14.99
O5 MAN F . 20.77 1.85 -16.31
O6 MAN F . 19.62 2.07 -18.64
C1 NDG F . 23.16 4.03 -13.65
C2 NDG F . 24.20 2.98 -13.19
C3 NDG F . 23.76 2.24 -11.91
C4 NDG F . 23.27 3.23 -10.86
C5 NDG F . 22.15 4.06 -11.44
C6 NDG F . 21.58 5.05 -10.44
C7 NDG F . 25.55 1.23 -14.19
C8 NDG F . 26.89 1.85 -14.51
O5 NDG F . 22.63 4.83 -12.57
O3 NDG F . 24.87 1.51 -11.40
O4 NDG F . 22.81 2.55 -9.71
O6 NDG F . 21.29 4.42 -9.21
O7 NDG F . 25.48 0.04 -13.91
N2 NDG F . 24.47 2.02 -14.25
C1 FUC F . 11.63 -5.52 -18.28
C2 FUC F . 10.36 -6.05 -17.59
C3 FUC F . 10.09 -5.35 -16.24
C4 FUC F . 10.19 -3.84 -16.38
C5 FUC F . 11.54 -3.48 -16.98
C6 FUC F . 11.73 -1.98 -17.14
O2 FUC F . 10.50 -7.45 -17.36
O3 FUC F . 8.82 -5.70 -15.75
O4 FUC F . 9.13 -3.36 -17.21
O5 FUC F . 11.67 -4.09 -18.28
C1 NAG G . 1.23 9.29 27.45
C2 NAG G . 1.20 10.77 27.04
C3 NAG G . 0.92 10.96 25.54
C4 NAG G . 1.82 10.07 24.70
C5 NAG G . 1.71 8.61 25.20
C6 NAG G . 2.58 7.63 24.41
C7 NAG G . 0.46 12.54 28.52
C8 NAG G . 0.53 13.86 27.78
N2 NAG G . 0.17 11.46 27.79
O3 NAG G . 1.11 12.32 25.19
O4 NAG G . 1.41 10.14 23.31
O5 NAG G . 2.10 8.54 26.59
O6 NAG G . 3.73 7.21 25.18
O7 NAG G . 0.68 12.49 29.72
C1 NAG G . 2.16 10.97 22.50
C2 NAG G . 2.38 10.30 21.15
C3 NAG G . 3.15 11.24 20.20
C4 NAG G . 2.41 12.59 20.09
C5 NAG G . 2.13 13.16 21.50
C6 NAG G . 1.29 14.41 21.47
C7 NAG G . 2.85 8.03 20.54
C8 NAG G . 1.78 7.07 21.01
N2 NAG G . 3.12 9.07 21.31
O3 NAG G . 3.26 10.64 18.93
O4 NAG G . 3.21 13.54 19.34
O5 NAG G . 1.42 12.19 22.31
O6 NAG G . 1.90 15.42 20.67
O7 NAG G . 3.43 7.83 19.46
C1 BMA G . 3.24 13.43 17.96
C2 BMA G . 3.47 14.82 17.34
C3 BMA G . 3.72 14.71 15.82
C4 BMA G . 4.80 13.68 15.53
C5 BMA G . 4.45 12.35 16.20
C6 BMA G . 5.53 11.31 15.99
O2 BMA G . 4.59 15.43 17.94
O3 BMA G . 4.12 15.98 15.30
O4 BMA G . 4.92 13.47 14.13
O5 BMA G . 4.30 12.54 17.62
O6 BMA G . 5.04 10.01 16.38
C1 MAN G . 3.07 16.82 14.93
C2 MAN G . 3.47 17.68 13.71
C3 MAN G . 4.46 18.78 14.11
C4 MAN G . 3.92 19.58 15.29
C5 MAN G . 3.60 18.62 16.44
C6 MAN G . 2.99 19.32 17.64
O2 MAN G . 2.29 18.25 13.12
O3 MAN G . 4.67 19.66 13.00
O4 MAN G . 4.90 20.52 15.71
O5 MAN G . 2.63 17.64 16.00
O6 MAN G . 1.67 19.73 17.38
C1 NAG G . 2.18 18.08 11.74
C2 NAG G . 0.74 18.38 11.28
C3 NAG G . 0.67 18.32 9.75
C4 NAG G . 1.76 19.18 9.10
C5 NAG G . 3.14 18.83 9.69
C6 NAG G . 4.25 19.73 9.19
C7 NAG G . -1.48 17.46 11.61
C8 NAG G . -2.01 16.54 10.51
N2 NAG G . -0.17 17.41 11.86
O3 NAG G . -0.60 18.79 9.31
O4 NAG G . 1.77 18.96 7.71
O5 NAG G . 3.11 18.98 11.12
O6 NAG G . 5.10 20.13 10.25
O7 NAG G . -2.25 18.19 12.22
C1 MAN G . 5.84 8.99 15.87
C2 MAN G . 5.06 7.69 15.76
C3 MAN G . 4.82 7.07 17.14
C4 MAN G . 6.13 6.95 17.91
C5 MAN G . 6.81 8.32 17.98
C6 MAN G . 8.15 8.29 18.68
O2 MAN G . 5.77 6.77 14.93
O3 MAN G . 4.24 5.78 16.99
O4 MAN G . 5.89 6.48 19.22
O5 MAN G . 7.03 8.82 16.64
O6 MAN G . 8.74 9.58 18.74
C1 NAG G . 5.10 6.33 13.79
C2 NAG G . 6.09 5.61 12.86
C3 NAG G . 5.37 4.92 11.69
C4 NAG G . 4.20 4.08 12.20
C5 NAG G . 3.29 4.92 13.08
C6 NAG G . 2.15 4.13 13.67
C7 NAG G . 8.32 6.51 12.64
C8 NAG G . 9.27 6.08 11.52
N2 NAG G . 7.03 6.59 12.33
O3 NAG G . 6.29 4.10 10.99
O4 NAG G . 3.45 3.57 11.11
O5 NAG G . 4.05 5.44 14.20
O6 NAG G . 2.00 4.41 15.06
O7 NAG G . 8.76 6.75 13.76
C1 FUL G . 4.77 8.15 25.13
C2 FUL G . 6.08 7.46 24.73
O2 FUL G . 6.22 7.46 23.33
C3 FUL G . 7.27 8.18 25.36
O3 FUL G . 7.49 7.67 26.67
C4 FUL G . 7.03 9.70 25.43
O4 FUL G . 8.17 10.35 25.96
C5 FUL G . 5.80 10.00 26.30
C6 FUL G . 6.15 10.36 27.74
O5 FUL G . 4.92 8.86 26.36
C1 NAG H . 4.29 29.05 11.33
C2 NAG H . 3.84 27.76 12.04
C3 NAG H . 4.83 27.34 13.12
C4 NAG H . 6.27 27.33 12.60
C5 NAG H . 6.58 28.68 11.95
C6 NAG H . 8.00 28.78 11.40
C7 NAG H . 1.53 27.16 12.37
C8 NAG H . 1.45 25.85 13.14
N2 NAG H . 2.54 27.97 12.65
O3 NAG H . 4.50 26.04 13.59
O4 NAG H . 7.18 27.08 13.68
O5 NAG H . 5.65 28.93 10.87
O6 NAG H . 7.99 28.73 9.95
O7 NAG H . 0.67 27.43 11.53
C1 NAG H . 7.66 25.79 13.83
C2 NAG H . 9.15 25.83 14.18
C3 NAG H . 9.67 24.40 14.40
C4 NAG H . 8.82 23.68 15.46
C5 NAG H . 7.33 23.78 15.09
C6 NAG H . 6.42 23.21 16.16
C7 NAG H . 10.95 27.22 13.41
C8 NAG H . 10.69 28.70 13.68
N2 NAG H . 9.90 26.47 13.11
O3 NAG H . 11.02 24.47 14.82
O4 NAG H . 9.20 22.29 15.56
O5 NAG H . 6.94 25.16 14.90
O6 NAG H . 6.75 21.86 16.46
O7 NAG H . 12.09 26.78 13.47
C1 BMA H . 10.36 21.97 16.25
C2 BMA H . 10.23 20.56 16.84
C3 BMA H . 11.56 20.09 17.45
C4 BMA H . 12.69 20.25 16.43
C5 BMA H . 12.71 21.68 15.91
C6 BMA H . 13.77 21.89 14.85
O2 BMA H . 9.81 19.65 15.83
O3 BMA H . 11.47 18.70 17.83
O4 BMA H . 13.93 19.95 17.04
O5 BMA H . 11.44 22.01 15.31
O6 BMA H . 13.97 23.30 14.62
C1 MAN H . 10.97 18.49 19.10
C2 MAN H . 11.63 17.24 19.72
C3 MAN H . 11.10 15.95 19.10
C4 MAN H . 9.57 15.93 19.12
C5 MAN H . 9.04 17.19 18.45
C6 MAN H . 7.53 17.30 18.48
O2 MAN H . 11.41 17.24 21.15
O3 MAN H . 11.60 14.82 19.79
O4 MAN H . 9.10 14.79 18.43
O5 MAN H . 9.55 18.37 19.13
O6 MAN H . 7.06 17.58 19.79
C1 NAG H . 12.54 17.04 21.93
C2 NAG H . 12.25 17.42 23.39
C3 NAG H . 13.47 17.06 24.27
C4 NAG H . 13.91 15.61 24.04
C5 NAG H . 14.11 15.34 22.55
C6 NAG H . 14.42 13.89 22.25
C7 NAG H . 11.70 19.42 24.63
C8 NAG H . 12.84 20.13 25.36
N2 NAG H . 11.98 18.85 23.47
O3 NAG H . 13.13 17.24 25.64
O4 NAG H . 15.13 15.37 24.73
O5 NAG H . 12.89 15.66 21.83
O6 NAG H . 13.69 13.42 21.13
O7 NAG H . 10.58 19.40 25.13
C1 MAN H . 15.17 23.53 13.94
C2 MAN H . 15.65 24.97 14.19
C3 MAN H . 14.79 25.98 13.43
C4 MAN H . 14.69 25.61 11.94
C5 MAN H . 14.18 24.17 11.83
C6 MAN H . 14.10 23.69 10.39
O2 MAN H . 17.03 25.10 13.80
O3 MAN H . 15.36 27.28 13.54
O4 MAN H . 13.80 26.49 11.27
O5 MAN H . 15.05 23.28 12.54
O6 MAN H . 13.59 22.37 10.31
C1 NAG H . 17.91 25.47 14.81
C2 NAG H . 19.35 25.25 14.31
C3 NAG H . 20.37 25.85 15.29
C4 NAG H . 20.00 27.29 15.64
C5 NAG H . 18.56 27.34 16.14
C6 NAG H . 18.10 28.75 16.47
C7 NAG H . 19.85 23.32 12.96
C8 NAG H . 21.26 22.84 12.70
N2 NAG H . 19.60 23.83 14.16
O3 NAG H . 21.66 25.83 14.70
O4 NAG H . 20.87 27.77 16.66
O5 NAG H . 17.68 26.85 15.10
O6 NAG H . 16.81 29.01 15.93
O7 NAG H . 18.98 23.21 12.08
C1 FUC H . 7.91 27.41 9.49
C2 FUC H . 9.03 27.16 8.45
C3 FUC H . 8.59 26.14 7.41
C4 FUC H . 7.67 25.08 8.04
C5 FUC H . 6.40 25.73 8.62
C6 FUC H . 5.22 25.68 7.68
O2 FUC H . 10.19 26.69 9.11
O3 FUC H . 7.89 26.80 6.35
O4 FUC H . 7.31 24.11 7.06
O5 FUC H . 6.64 27.12 8.91
C1 NAG I . 7.35 -12.64 7.42
C2 NAG I . 6.11 -12.58 8.33
C3 NAG I . 6.55 -12.67 9.79
C4 NAG I . 7.62 -11.61 10.11
C5 NAG I . 8.77 -11.61 9.07
C6 NAG I . 9.68 -12.83 9.17
C7 NAG I . 4.19 -11.18 8.74
C8 NAG I . 4.19 -10.35 10.00
N2 NAG I . 5.35 -11.36 8.11
O3 NAG I . 7.06 -13.97 10.07
O4 NAG I . 7.04 -10.32 10.16
O5 NAG I . 8.26 -11.55 7.72
O6 NAG I . 10.36 -12.88 10.42
O7 NAG I . 3.13 -11.67 8.33
C1 NAG J . -29.79 1.91 -2.68
C2 NAG J . -29.92 2.05 -1.16
C3 NAG J . -28.94 3.11 -0.62
C4 NAG J . -27.51 2.76 -1.07
C5 NAG J . -27.47 2.62 -2.61
C6 NAG J . -26.11 2.20 -3.11
C7 NAG J . -32.24 1.48 -0.78
C8 NAG J . -33.27 1.53 -1.91
N2 NAG J . -31.28 2.40 -0.79
O3 NAG J . -29.00 3.17 0.80
O4 NAG J . -26.60 3.76 -0.64
O5 NAG J . -28.42 1.62 -3.05
O6 NAG J . -25.33 3.31 -3.55
O7 NAG J . -32.32 0.61 0.09
N CYS K . -19.43 -29.17 -13.91
CA CYS K . -19.40 -27.80 -14.54
C CYS K . -20.62 -27.61 -15.44
O CYS K . -20.73 -28.33 -16.47
CB CYS K . -18.15 -27.61 -15.41
SG CYS K . -17.93 -25.87 -15.88
OXT CYS K . -21.44 -26.73 -15.09
N CYS L . -28.14 -3.93 -15.84
CA CYS L . -29.43 -3.19 -15.78
C CYS L . -29.33 -1.80 -16.39
O CYS L . -28.90 -0.88 -15.67
CB CYS L . -29.91 -3.10 -14.32
SG CYS L . -28.62 -3.35 -13.06
OXT CYS L . -29.71 -1.64 -17.57
#